data_8OFB
#
_entry.id   8OFB
#
_cell.length_a   90.833
_cell.length_b   90.833
_cell.length_c   571.878
_cell.angle_alpha   90.000
_cell.angle_beta   90.000
_cell.angle_gamma   120.000
#
_symmetry.space_group_name_H-M   'P 61 2 2'
#
loop_
_entity.id
_entity.type
_entity.pdbx_description
1 polymer 'Reverse gyrase'
2 non-polymer 'HEXAETHYLENE GLYCOL'
3 non-polymer 'ZINC ION'
4 non-polymer 'SULFATE ION'
5 non-polymer 'CHLORIDE ION'
6 water water
#
_entity_poly.entity_id   1
_entity_poly.type   'polypeptide(L)'
_entity_poly.pdbx_seq_one_letter_code
;MAVNSKYHHSCINCGGLNTDERNERGLPCEVCLPEDSPSDIYRALLERKTLKEYRFYHEFWNEYEDFRSFFKKKFGKDLT
GYQRLWAKRIVQGKSFTMVAPTGVGKTTFGMMTALWLARKGKKSALVFPTVTLVKQTLERLQKLADEKVKIFGFYSSMKK
EEKEKFEKSFEEDDYHILVFSTQFVSKNREKLSQKRFDFVFVDDVDAVLKASRNIDTLLMMVGIPEEIIRKAFSTIKQGK
IYERPKNLKPGILVVSSATAKPRGIRPLLFRDLLNFTVGRLVSVARNITHVRISSRSKEKLVELLEIFRDGILIFAQTEE
EGKELYEYLKRFKFNVGETWSEFEKNFEDFKVGKINILIGVQAYYGKLTRGVDLPERIKYVIFWGTPSMRFSLEELIIPD
VYTYIQASGRSSRILNGVLVKGVSVIFEEDEEIFESLKTRLLLIAEEEIIEEAEANWKELVHEVEESRRRSERELTDTSR
SLLIIVESPTKAETLSRFLGRASSRKERNIIVHEAVTGEGVILFTATRGHVYDLVTKGGIHGVEEENGKFVPVYNSLKRC
RDCGYQFTEDRDECPVCSSKNIDDKTETLRALREISLEADEILVATDPDVEGEKISWDVTQYLLPSTRSLRRIEMHEITR
YGFKKARESVRFVDFNLVKAQIVRRVQDRWIGFELSGKLQKRFGRSNLSAGRVQSTVLGWIVEREEEYKKSEKDFTLLVL
ENGVNLEVEGKIADDVVTVVELQEAEEEKNPLPPYTTSSALSEISQKLRLGVQEVMDILQDLFEKGFITYHRTDSTRISL
EGQNVARTYLRKIGKEDIFMGRSWSTEGAHEAIRPVKPIDARELEEMIEEGLIADLTKKHLRVYELIFNRFLASQSAAVK
VKKQIVTVDVDGKRMGIEQIVEILRDGWNLFVPLTVSPRFEHRTYKIKEKKFYKKHTVPLFTQASIVEEMKKRGIGRPST
YAKIVEVLFRRGYVYEDKYKRVRPTRFGVMVYSYLKERYEKYVTEETTRRLEEIMDKVERGEEDYQATLRLLYEEIKSLM
EEG
;
_entity_poly.pdbx_strand_id   A
#
loop_
_chem_comp.id
_chem_comp.type
_chem_comp.name
_chem_comp.formula
CL non-polymer 'CHLORIDE ION' 'Cl -1'
P6G non-polymer 'HEXAETHYLENE GLYCOL' 'C12 H26 O7'
SO4 non-polymer 'SULFATE ION' 'O4 S -2'
ZN non-polymer 'ZINC ION' 'Zn 2'
#
# COMPACT_ATOMS: atom_id res chain seq x y z
N ALA A 2 4.04 25.83 9.48
CA ALA A 2 3.78 25.23 10.79
C ALA A 2 2.39 25.60 11.29
N VAL A 3 1.90 24.84 12.27
CA VAL A 3 0.58 25.07 12.85
C VAL A 3 0.70 25.54 14.31
N ASN A 4 1.88 26.01 14.71
CA ASN A 4 2.13 26.51 16.06
C ASN A 4 1.81 25.44 17.11
N SER A 5 2.51 24.32 16.99
CA SER A 5 2.31 23.18 17.88
C SER A 5 3.65 22.75 18.47
N LYS A 6 3.57 22.08 19.63
CA LYS A 6 4.75 21.58 20.33
C LYS A 6 4.73 20.06 20.33
N TYR A 7 5.86 19.45 19.95
CA TYR A 7 5.99 18.01 19.85
C TYR A 7 7.09 17.54 20.80
N HIS A 8 6.77 16.54 21.62
CA HIS A 8 7.78 15.94 22.48
C HIS A 8 8.78 15.12 21.67
N HIS A 9 10.02 15.08 22.16
CA HIS A 9 11.09 14.27 21.58
C HIS A 9 11.40 14.66 20.13
N SER A 10 11.04 15.87 19.73
CA SER A 10 11.27 16.32 18.35
C SER A 10 12.56 17.12 18.19
N CYS A 11 13.22 17.50 19.28
CA CYS A 11 14.48 18.22 19.16
C CYS A 11 15.58 17.27 18.70
N ILE A 12 16.34 17.71 17.69
CA ILE A 12 17.38 16.87 17.11
C ILE A 12 18.67 16.87 17.91
N ASN A 13 18.82 17.77 18.87
CA ASN A 13 20.05 17.88 19.66
C ASN A 13 19.95 17.23 21.03
N CYS A 14 18.82 17.40 21.73
CA CYS A 14 18.67 16.84 23.06
C CYS A 14 17.51 15.85 23.18
N GLY A 15 16.70 15.68 22.14
CA GLY A 15 15.58 14.77 22.21
C GLY A 15 14.45 15.22 23.11
N GLY A 16 14.35 16.51 23.38
CA GLY A 16 13.30 17.05 24.21
C GLY A 16 12.18 17.70 23.40
N LEU A 17 11.34 18.45 24.11
CA LEU A 17 10.24 19.14 23.47
C LEU A 17 10.76 20.23 22.55
N ASN A 18 10.11 20.39 21.40
CA ASN A 18 10.46 21.43 20.45
C ASN A 18 9.22 21.83 19.67
N THR A 19 9.17 23.09 19.26
CA THR A 19 8.03 23.60 18.51
C THR A 19 8.17 23.26 17.03
N ASP A 20 7.03 23.22 16.33
CA ASP A 20 7.05 22.86 14.92
C ASP A 20 7.63 23.97 14.05
N GLU A 21 7.60 25.22 14.52
CA GLU A 21 8.22 26.30 13.76
C GLU A 21 9.73 26.10 13.65
N ARG A 22 10.37 25.73 14.76
CA ARG A 22 11.82 25.48 14.72
C ARG A 22 12.15 24.20 13.98
N ASN A 23 11.33 23.16 14.14
CA ASN A 23 11.57 21.91 13.41
C ASN A 23 11.45 22.13 11.90
N GLU A 24 10.49 22.94 11.47
CA GLU A 24 10.34 23.24 10.06
C GLU A 24 11.56 23.96 9.51
N ARG A 25 12.21 24.80 10.33
CA ARG A 25 13.42 25.50 9.94
C ARG A 25 14.68 24.67 10.16
N GLY A 26 14.55 23.45 10.71
CA GLY A 26 15.69 22.60 10.96
C GLY A 26 16.45 22.89 12.23
N LEU A 27 15.94 23.80 13.08
CA LEU A 27 16.57 24.23 14.32
C LEU A 27 16.21 23.29 15.47
N PRO A 28 17.09 23.19 16.46
CA PRO A 28 16.76 22.48 17.70
C PRO A 28 15.88 23.34 18.58
N CYS A 29 15.57 22.82 19.77
CA CYS A 29 14.74 23.57 20.70
C CYS A 29 15.50 24.78 21.22
N GLU A 30 14.74 25.78 21.69
CA GLU A 30 15.34 27.04 22.13
C GLU A 30 16.26 26.86 23.33
N VAL A 31 16.08 25.80 24.11
CA VAL A 31 16.99 25.53 25.21
C VAL A 31 18.39 25.26 24.69
N CYS A 32 18.49 24.45 23.62
CA CYS A 32 19.79 24.20 23.01
C CYS A 32 20.33 25.44 22.33
N LEU A 33 19.50 26.17 21.58
CA LEU A 33 19.93 27.32 20.80
C LEU A 33 18.81 28.35 20.76
N PRO A 34 18.91 29.43 21.54
CA PRO A 34 17.88 30.47 21.49
C PRO A 34 17.89 31.28 20.20
N GLU A 35 18.98 31.24 19.42
CA GLU A 35 19.07 32.04 18.21
C GLU A 35 18.16 31.47 17.12
N ASP A 36 17.62 32.37 16.30
CA ASP A 36 16.70 31.98 15.24
C ASP A 36 17.39 31.73 13.90
N SER A 37 18.44 32.49 13.59
CA SER A 37 19.12 32.41 12.29
C SER A 37 20.61 32.23 12.51
N PRO A 38 21.05 31.02 12.84
CA PRO A 38 22.49 30.75 12.97
C PRO A 38 23.12 30.34 11.65
N SER A 39 24.41 30.68 11.51
CA SER A 39 25.14 30.31 10.31
C SER A 39 25.39 28.80 10.27
N ASP A 40 25.85 28.23 11.38
CA ASP A 40 26.09 26.80 11.49
C ASP A 40 25.55 26.32 12.83
N ILE A 41 24.67 25.32 12.79
CA ILE A 41 24.06 24.82 14.02
C ILE A 41 25.11 24.11 14.88
N TYR A 42 26.02 23.37 14.26
CA TYR A 42 27.03 22.64 15.03
C TYR A 42 27.94 23.59 15.79
N ARG A 43 28.36 24.69 15.16
CA ARG A 43 29.21 25.66 15.85
C ARG A 43 28.44 26.38 16.96
N ALA A 44 27.16 26.67 16.73
CA ALA A 44 26.37 27.35 17.75
C ALA A 44 26.20 26.48 18.99
N LEU A 45 25.95 25.18 18.81
CA LEU A 45 25.82 24.29 19.95
C LEU A 45 27.16 24.07 20.64
N LEU A 46 28.24 24.01 19.87
CA LEU A 46 29.58 23.89 20.46
C LEU A 46 29.93 25.14 21.25
N GLU A 47 29.50 26.31 20.78
CA GLU A 47 29.77 27.55 21.48
C GLU A 47 29.11 27.57 22.86
N ARG A 48 27.83 27.21 22.93
CA ARG A 48 27.08 27.21 24.18
C ARG A 48 27.25 25.93 24.97
N LYS A 49 28.02 24.97 24.45
CA LYS A 49 28.30 23.69 25.13
C LYS A 49 27.02 22.92 25.42
N THR A 50 26.01 23.10 24.57
CA THR A 50 24.77 22.32 24.64
C THR A 50 24.75 21.19 23.62
N LEU A 51 25.87 20.94 22.95
CA LEU A 51 25.95 19.92 21.91
C LEU A 51 25.87 18.54 22.54
N LYS A 52 24.75 17.84 22.33
CA LYS A 52 24.55 16.51 22.89
C LYS A 52 24.43 15.44 21.81
N GLU A 53 23.48 15.57 20.89
CA GLU A 53 23.27 14.57 19.85
C GLU A 53 23.51 15.09 18.44
N TYR A 54 23.53 16.41 18.23
CA TYR A 54 23.86 16.95 16.91
C TYR A 54 25.30 16.64 16.50
N ARG A 55 26.14 16.23 17.45
CA ARG A 55 27.49 15.79 17.11
C ARG A 55 27.45 14.58 16.18
N PHE A 56 26.58 13.62 16.49
CA PHE A 56 26.47 12.42 15.65
C PHE A 56 26.05 12.79 14.23
N TYR A 57 25.10 13.71 14.09
CA TYR A 57 24.68 14.14 12.75
C TYR A 57 25.81 14.87 12.03
N HIS A 58 26.53 15.75 12.74
CA HIS A 58 27.60 16.50 12.11
C HIS A 58 28.71 15.59 11.61
N GLU A 59 29.07 14.58 12.40
CA GLU A 59 30.08 13.62 11.95
C GLU A 59 29.59 12.86 10.72
N PHE A 60 28.30 12.51 10.70
CA PHE A 60 27.77 11.70 9.61
C PHE A 60 27.94 12.39 8.26
N TRP A 61 27.60 13.67 8.18
CA TRP A 61 27.71 14.39 6.92
C TRP A 61 29.17 14.62 6.54
N ASN A 62 30.03 14.87 7.52
CA ASN A 62 31.46 14.98 7.25
C ASN A 62 32.04 13.65 6.77
N GLU A 63 31.65 12.56 7.42
CA GLU A 63 32.14 11.24 7.02
C GLU A 63 31.69 10.89 5.60
N TYR A 64 30.43 11.19 5.27
CA TYR A 64 29.94 10.90 3.92
C TYR A 64 30.68 11.70 2.86
N GLU A 65 30.92 12.98 3.12
CA GLU A 65 31.68 13.80 2.19
C GLU A 65 33.11 13.30 2.06
N ASP A 66 33.73 12.91 3.19
CA ASP A 66 35.07 12.36 3.14
C ASP A 66 35.10 11.08 2.29
N PHE A 67 34.09 10.21 2.46
CA PHE A 67 33.97 9.04 1.60
C PHE A 67 33.68 9.45 0.16
N ARG A 68 32.80 10.44 -0.03
CA ARG A 68 32.44 10.87 -1.37
C ARG A 68 33.64 11.50 -2.08
N SER A 69 34.39 12.34 -1.38
CA SER A 69 35.58 12.94 -1.98
C SER A 69 36.65 11.89 -2.25
N PHE A 70 36.80 10.93 -1.33
CA PHE A 70 37.75 9.84 -1.54
C PHE A 70 37.38 9.01 -2.76
N PHE A 71 36.09 8.75 -2.96
CA PHE A 71 35.65 8.01 -4.14
C PHE A 71 35.97 8.76 -5.42
N LYS A 72 35.79 10.08 -5.42
CA LYS A 72 36.06 10.87 -6.62
C LYS A 72 37.55 10.96 -6.90
N LYS A 73 38.39 10.97 -5.86
CA LYS A 73 39.83 11.05 -6.08
C LYS A 73 40.39 9.74 -6.61
N LYS A 74 39.92 8.61 -6.06
CA LYS A 74 40.46 7.31 -6.46
C LYS A 74 39.82 6.81 -7.75
N PHE A 75 38.50 6.66 -7.76
CA PHE A 75 37.83 6.09 -8.93
C PHE A 75 37.76 7.08 -10.08
N GLY A 76 37.77 8.38 -9.77
CA GLY A 76 37.66 9.40 -10.80
C GLY A 76 36.25 9.74 -11.21
N LYS A 77 35.25 9.06 -10.69
CA LYS A 77 33.85 9.31 -10.99
C LYS A 77 33.10 9.61 -9.70
N ASP A 78 32.08 10.45 -9.80
CA ASP A 78 31.28 10.78 -8.65
C ASP A 78 30.42 9.59 -8.24
N LEU A 79 30.02 9.58 -6.97
CA LEU A 79 29.19 8.49 -6.45
C LEU A 79 27.86 8.42 -7.20
N THR A 80 27.46 7.20 -7.55
CA THR A 80 26.19 6.98 -8.22
C THR A 80 25.04 7.01 -7.20
N GLY A 81 23.82 6.98 -7.72
CA GLY A 81 22.65 6.97 -6.85
C GLY A 81 22.61 5.75 -5.95
N TYR A 82 22.92 4.57 -6.50
CA TYR A 82 22.98 3.36 -5.69
C TYR A 82 24.08 3.46 -4.64
N GLN A 83 25.25 3.97 -5.02
CA GLN A 83 26.36 4.06 -4.10
C GLN A 83 26.18 5.20 -3.08
N ARG A 84 25.36 6.20 -3.39
CA ARG A 84 25.06 7.22 -2.40
C ARG A 84 24.34 6.62 -1.19
N LEU A 85 23.35 5.76 -1.44
CA LEU A 85 22.65 5.11 -0.34
C LEU A 85 23.58 4.20 0.44
N TRP A 86 24.42 3.44 -0.25
CA TRP A 86 25.33 2.51 0.42
C TRP A 86 26.36 3.25 1.26
N ALA A 87 26.90 4.37 0.75
CA ALA A 87 27.93 5.09 1.47
C ALA A 87 27.40 5.62 2.81
N LYS A 88 26.17 6.13 2.82
CA LYS A 88 25.59 6.64 4.05
C LYS A 88 25.33 5.52 5.05
N ARG A 89 25.00 4.32 4.57
CA ARG A 89 24.85 3.18 5.47
C ARG A 89 26.20 2.67 5.97
N ILE A 90 27.26 2.84 5.17
CA ILE A 90 28.58 2.41 5.59
C ILE A 90 29.07 3.26 6.76
N VAL A 91 28.92 4.58 6.67
CA VAL A 91 29.40 5.47 7.72
C VAL A 91 28.56 5.34 8.98
N GLN A 92 27.36 4.79 8.90
CA GLN A 92 26.54 4.52 10.07
C GLN A 92 26.80 3.15 10.69
N GLY A 93 27.73 2.38 10.12
CA GLY A 93 28.03 1.05 10.66
C GLY A 93 26.88 0.09 10.56
N LYS A 94 26.18 0.07 9.43
CA LYS A 94 25.03 -0.79 9.22
C LYS A 94 25.33 -1.82 8.14
N SER A 95 24.95 -3.06 8.41
CA SER A 95 25.03 -4.12 7.40
C SER A 95 23.82 -4.05 6.48
N PHE A 96 24.04 -4.35 5.20
CA PHE A 96 22.97 -4.24 4.23
C PHE A 96 23.27 -5.13 3.03
N THR A 97 22.22 -5.47 2.29
CA THR A 97 22.34 -6.15 1.01
C THR A 97 22.27 -5.10 -0.09
N MET A 98 23.22 -5.15 -1.03
CA MET A 98 23.25 -4.17 -2.10
C MET A 98 22.13 -4.44 -3.09
N VAL A 99 20.97 -3.83 -2.85
CA VAL A 99 19.78 -4.01 -3.68
C VAL A 99 19.98 -3.18 -4.94
N ALA A 100 20.45 -3.81 -6.01
CA ALA A 100 20.78 -3.13 -7.24
C ALA A 100 20.93 -4.17 -8.35
N PRO A 101 20.76 -3.77 -9.61
CA PRO A 101 21.06 -4.68 -10.71
C PRO A 101 22.55 -4.89 -10.86
N THR A 102 22.90 -6.00 -11.52
CA THR A 102 24.30 -6.37 -11.67
C THR A 102 25.07 -5.31 -12.44
N GLY A 103 26.30 -5.06 -12.01
CA GLY A 103 27.15 -4.08 -12.65
C GLY A 103 28.50 -4.02 -11.97
N VAL A 104 29.40 -3.24 -12.57
CA VAL A 104 30.73 -3.07 -12.00
C VAL A 104 30.73 -2.14 -10.80
N GLY A 105 29.68 -1.32 -10.65
CA GLY A 105 29.62 -0.42 -9.50
C GLY A 105 29.43 -1.11 -8.18
N LYS A 106 28.86 -2.33 -8.19
CA LYS A 106 28.69 -3.08 -6.96
C LYS A 106 30.03 -3.58 -6.42
N THR A 107 30.86 -4.15 -7.30
CA THR A 107 32.14 -4.68 -6.85
C THR A 107 33.14 -3.56 -6.54
N THR A 108 33.09 -2.46 -7.29
CA THR A 108 34.04 -1.38 -7.06
C THR A 108 33.73 -0.61 -5.79
N PHE A 109 32.46 -0.58 -5.37
CA PHE A 109 32.12 0.08 -4.11
C PHE A 109 32.77 -0.62 -2.92
N GLY A 110 32.75 -1.96 -2.92
CA GLY A 110 33.40 -2.70 -1.86
C GLY A 110 34.89 -2.47 -1.83
N MET A 111 35.52 -2.35 -3.01
CA MET A 111 36.93 -2.03 -3.07
C MET A 111 37.22 -0.67 -2.45
N MET A 112 36.38 0.34 -2.76
CA MET A 112 36.61 1.68 -2.23
C MET A 112 36.36 1.73 -0.73
N THR A 113 35.35 1.02 -0.25
CA THR A 113 35.09 0.97 1.19
C THR A 113 36.25 0.34 1.93
N ALA A 114 36.81 -0.74 1.38
CA ALA A 114 37.97 -1.37 2.00
C ALA A 114 39.16 -0.43 2.03
N LEU A 115 39.40 0.30 0.94
CA LEU A 115 40.49 1.28 0.92
C LEU A 115 40.20 2.41 1.89
N TRP A 116 38.95 2.88 1.94
CA TRP A 116 38.60 3.97 2.84
C TRP A 116 38.76 3.55 4.30
N LEU A 117 38.35 2.33 4.63
CA LEU A 117 38.55 1.84 6.00
C LEU A 117 40.01 1.55 6.30
N ALA A 118 40.78 1.13 5.30
CA ALA A 118 42.19 0.87 5.52
C ALA A 118 42.97 2.16 5.79
N ARG A 119 42.48 3.29 5.30
CA ARG A 119 43.17 4.55 5.53
C ARG A 119 43.14 4.93 7.00
N LYS A 120 42.03 4.66 7.69
CA LYS A 120 41.92 4.90 9.11
C LYS A 120 42.38 3.73 9.96
N GLY A 121 42.86 2.65 9.33
CA GLY A 121 43.43 1.53 10.05
C GLY A 121 42.51 0.35 10.26
N LYS A 122 41.26 0.43 9.81
CA LYS A 122 40.32 -0.66 10.02
C LYS A 122 40.51 -1.75 8.99
N LYS A 123 40.43 -3.00 9.44
CA LYS A 123 40.66 -4.15 8.57
C LYS A 123 39.39 -4.51 7.80
N SER A 124 39.58 -5.01 6.58
CA SER A 124 38.49 -5.43 5.72
C SER A 124 38.79 -6.79 5.12
N ALA A 125 37.73 -7.51 4.77
CA ALA A 125 37.85 -8.85 4.18
C ALA A 125 36.90 -8.94 2.99
N LEU A 126 37.46 -8.99 1.79
CA LEU A 126 36.67 -9.08 0.56
C LEU A 126 36.65 -10.53 0.10
N VAL A 127 35.45 -11.10 -0.04
CA VAL A 127 35.26 -12.49 -0.40
C VAL A 127 34.64 -12.54 -1.79
N PHE A 128 35.22 -13.37 -2.67
CA PHE A 128 34.76 -13.50 -4.03
C PHE A 128 34.54 -14.96 -4.38
N PRO A 129 33.59 -15.26 -5.28
CA PRO A 129 33.26 -16.66 -5.56
C PRO A 129 34.34 -17.41 -6.33
N THR A 130 34.88 -16.81 -7.37
CA THR A 130 35.82 -17.49 -8.26
C THR A 130 37.23 -16.94 -8.08
N VAL A 131 38.22 -17.78 -8.40
CA VAL A 131 39.62 -17.39 -8.27
C VAL A 131 39.97 -16.28 -9.25
N THR A 132 39.37 -16.30 -10.45
CA THR A 132 39.66 -15.27 -11.43
C THR A 132 39.23 -13.89 -10.94
N LEU A 133 38.07 -13.82 -10.30
CA LEU A 133 37.62 -12.54 -9.74
C LEU A 133 38.52 -12.07 -8.60
N VAL A 134 39.07 -13.01 -7.83
CA VAL A 134 40.01 -12.64 -6.77
C VAL A 134 41.25 -11.98 -7.36
N LYS A 135 41.80 -12.57 -8.44
CA LYS A 135 42.99 -12.00 -9.06
C LYS A 135 42.71 -10.63 -9.67
N GLN A 136 41.55 -10.48 -10.35
CA GLN A 136 41.23 -9.21 -10.99
C GLN A 136 41.11 -8.08 -9.97
N THR A 137 40.43 -8.34 -8.85
CA THR A 137 40.29 -7.32 -7.82
C THR A 137 41.59 -7.12 -7.06
N LEU A 138 42.44 -8.16 -6.98
CA LEU A 138 43.72 -8.00 -6.30
C LEU A 138 44.62 -7.01 -7.04
N GLU A 139 44.69 -7.11 -8.37
CA GLU A 139 45.52 -6.18 -9.12
C GLU A 139 44.86 -4.81 -9.26
N ARG A 140 43.52 -4.75 -9.27
CA ARG A 140 42.84 -3.47 -9.34
C ARG A 140 43.03 -2.66 -8.06
N LEU A 141 43.06 -3.34 -6.91
CA LEU A 141 43.27 -2.64 -5.64
C LEU A 141 44.71 -2.16 -5.51
N GLN A 142 45.67 -2.97 -5.94
CA GLN A 142 47.08 -2.61 -5.76
C GLN A 142 47.48 -1.40 -6.60
N LYS A 143 46.84 -1.22 -7.76
CA LYS A 143 47.13 -0.04 -8.57
C LYS A 143 46.69 1.24 -7.88
N LEU A 144 45.54 1.20 -7.20
CA LEU A 144 44.97 2.43 -6.65
C LEU A 144 45.34 2.66 -5.19
N ALA A 145 45.67 1.62 -4.44
CA ALA A 145 46.01 1.77 -3.04
C ALA A 145 47.41 2.32 -2.87
N ASP A 146 47.64 3.01 -1.75
CA ASP A 146 48.95 3.53 -1.42
C ASP A 146 49.86 2.40 -0.94
N GLU A 147 51.16 2.68 -0.91
CA GLU A 147 52.12 1.71 -0.41
C GLU A 147 51.93 1.43 1.08
N LYS A 148 51.30 2.34 1.82
CA LYS A 148 51.05 2.09 3.23
C LYS A 148 49.93 1.09 3.44
N VAL A 149 48.98 1.01 2.52
CA VAL A 149 47.91 0.03 2.61
C VAL A 149 48.43 -1.30 2.08
N LYS A 150 48.37 -2.33 2.92
CA LYS A 150 48.87 -3.66 2.57
C LYS A 150 47.69 -4.58 2.29
N ILE A 151 47.71 -5.21 1.12
CA ILE A 151 46.63 -6.07 0.64
C ILE A 151 47.21 -7.44 0.35
N PHE A 152 46.61 -8.49 0.91
CA PHE A 152 47.07 -9.85 0.73
C PHE A 152 45.89 -10.74 0.34
N GLY A 153 46.16 -11.72 -0.54
CA GLY A 153 45.14 -12.62 -1.00
C GLY A 153 45.63 -14.06 -0.99
N PHE A 154 44.69 -14.98 -1.19
CA PHE A 154 45.00 -16.40 -1.16
C PHE A 154 44.08 -17.15 -2.09
N TYR A 155 44.65 -18.02 -2.93
CA TYR A 155 43.89 -18.91 -3.78
C TYR A 155 44.74 -20.14 -4.07
N SER A 156 44.10 -21.15 -4.66
CA SER A 156 44.76 -22.43 -4.89
C SER A 156 45.66 -22.44 -6.11
N SER A 157 45.70 -21.37 -6.90
CA SER A 157 46.48 -21.33 -8.12
C SER A 157 47.80 -20.59 -7.97
N MET A 158 48.01 -19.87 -6.87
CA MET A 158 49.25 -19.13 -6.69
C MET A 158 50.39 -20.05 -6.26
N LYS A 159 51.62 -19.57 -6.43
CA LYS A 159 52.79 -20.34 -6.06
C LYS A 159 52.90 -20.46 -4.54
N LYS A 160 53.73 -21.40 -4.10
CA LYS A 160 53.94 -21.58 -2.66
C LYS A 160 54.54 -20.34 -2.02
N GLU A 161 55.38 -19.61 -2.76
CA GLU A 161 55.90 -18.35 -2.25
C GLU A 161 54.79 -17.33 -2.07
N GLU A 162 53.85 -17.29 -3.01
CA GLU A 162 52.70 -16.39 -2.87
C GLU A 162 51.83 -16.78 -1.69
N LYS A 163 51.64 -18.09 -1.47
CA LYS A 163 50.85 -18.54 -0.33
C LYS A 163 51.54 -18.22 0.99
N GLU A 164 52.86 -18.41 1.05
CA GLU A 164 53.58 -18.31 2.32
C GLU A 164 53.56 -16.89 2.86
N LYS A 165 53.65 -15.88 1.98
CA LYS A 165 53.62 -14.50 2.46
C LYS A 165 52.23 -14.11 2.95
N PHE A 166 51.18 -14.73 2.43
CA PHE A 166 49.84 -14.47 2.94
C PHE A 166 49.65 -15.09 4.32
N GLU A 167 50.08 -16.35 4.48
CA GLU A 167 49.94 -17.02 5.78
C GLU A 167 50.77 -16.32 6.85
N LYS A 168 51.97 -15.86 6.48
CA LYS A 168 52.80 -15.12 7.44
C LYS A 168 52.11 -13.85 7.90
N SER A 169 51.50 -13.11 6.98
CA SER A 169 50.83 -11.86 7.34
C SER A 169 49.56 -12.13 8.14
N PHE A 170 48.83 -13.19 7.81
CA PHE A 170 47.59 -13.48 8.51
C PHE A 170 47.84 -13.81 9.98
N GLU A 171 48.90 -14.58 10.26
CA GLU A 171 49.24 -14.90 11.65
C GLU A 171 49.87 -13.70 12.35
N GLU A 172 50.61 -12.87 11.61
CA GLU A 172 51.16 -11.65 12.19
C GLU A 172 50.10 -10.57 12.40
N ASP A 173 48.94 -10.71 11.77
CA ASP A 173 47.87 -9.71 11.82
C ASP A 173 48.33 -8.35 11.29
N ASP A 174 49.33 -8.36 10.41
CA ASP A 174 49.80 -7.15 9.75
C ASP A 174 49.19 -7.05 8.36
N TYR A 175 47.90 -6.72 8.34
CA TYR A 175 47.19 -6.58 7.08
C TYR A 175 46.08 -5.54 7.22
N HIS A 176 45.65 -5.00 6.10
CA HIS A 176 44.54 -4.06 6.01
C HIS A 176 43.35 -4.64 5.26
N ILE A 177 43.59 -5.24 4.10
CA ILE A 177 42.55 -5.81 3.26
C ILE A 177 42.95 -7.23 2.88
N LEU A 178 42.03 -8.17 3.05
CA LEU A 178 42.26 -9.57 2.67
C LEU A 178 41.27 -9.94 1.58
N VAL A 179 41.77 -10.44 0.47
CA VAL A 179 40.93 -10.81 -0.68
C VAL A 179 41.11 -12.31 -0.91
N PHE A 180 40.21 -13.10 -0.32
CA PHE A 180 40.26 -14.55 -0.45
C PHE A 180 38.93 -15.06 -1.01
N SER A 181 38.97 -16.31 -1.48
CA SER A 181 37.82 -16.90 -2.14
C SER A 181 36.82 -17.46 -1.12
N THR A 182 35.63 -17.82 -1.63
CA THR A 182 34.62 -18.43 -0.77
C THR A 182 35.05 -19.80 -0.27
N GLN A 183 35.80 -20.55 -1.08
CA GLN A 183 36.31 -21.84 -0.64
C GLN A 183 37.25 -21.69 0.55
N PHE A 184 38.01 -20.59 0.61
CA PHE A 184 38.90 -20.36 1.74
C PHE A 184 38.12 -20.22 3.05
N VAL A 185 36.92 -19.64 2.98
CA VAL A 185 36.10 -19.50 4.18
C VAL A 185 35.68 -20.86 4.72
N SER A 186 35.28 -21.77 3.83
CA SER A 186 34.79 -23.07 4.27
C SER A 186 35.91 -23.94 4.82
N LYS A 187 37.11 -23.86 4.22
CA LYS A 187 38.23 -24.70 4.64
C LYS A 187 39.03 -24.10 5.79
N ASN A 188 38.78 -22.85 6.16
CA ASN A 188 39.50 -22.21 7.25
C ASN A 188 38.54 -21.41 8.12
N ARG A 189 37.39 -22.00 8.45
CA ARG A 189 36.37 -21.26 9.20
C ARG A 189 36.76 -21.08 10.66
N GLU A 190 37.54 -22.02 11.22
CA GLU A 190 37.93 -21.91 12.62
C GLU A 190 38.92 -20.78 12.83
N LYS A 191 39.91 -20.66 11.94
CA LYS A 191 40.91 -19.60 12.08
C LYS A 191 40.32 -18.24 11.80
N LEU A 192 39.38 -18.16 10.85
CA LEU A 192 38.74 -16.89 10.53
C LEU A 192 37.72 -16.48 11.59
N SER A 193 37.19 -17.43 12.36
CA SER A 193 36.20 -17.09 13.37
C SER A 193 36.81 -16.25 14.50
N GLN A 194 38.05 -16.55 14.89
CA GLN A 194 38.69 -15.81 15.96
C GLN A 194 39.01 -14.38 15.55
N LYS A 195 39.50 -14.20 14.33
CA LYS A 195 39.82 -12.86 13.84
C LYS A 195 38.54 -12.05 13.63
N ARG A 196 38.61 -10.76 13.94
CA ARG A 196 37.47 -9.86 13.83
C ARG A 196 37.76 -8.78 12.80
N PHE A 197 36.82 -8.58 11.88
CA PHE A 197 36.96 -7.59 10.83
C PHE A 197 35.88 -6.51 10.97
N ASP A 198 36.18 -5.32 10.46
CA ASP A 198 35.23 -4.20 10.51
C ASP A 198 34.36 -4.11 9.27
N PHE A 199 34.73 -4.78 8.18
CA PHE A 199 33.94 -4.75 6.95
C PHE A 199 34.16 -6.04 6.18
N VAL A 200 33.07 -6.75 5.89
CA VAL A 200 33.12 -7.99 5.13
C VAL A 200 32.22 -7.82 3.92
N PHE A 201 32.78 -8.05 2.73
CA PHE A 201 32.05 -7.91 1.47
C PHE A 201 32.06 -9.25 0.75
N VAL A 202 30.86 -9.75 0.43
CA VAL A 202 30.69 -11.04 -0.25
C VAL A 202 30.12 -10.76 -1.63
N ASP A 203 30.87 -11.12 -2.68
CA ASP A 203 30.43 -10.83 -4.03
C ASP A 203 29.29 -11.75 -4.46
N ASP A 204 29.28 -12.99 -4.00
CA ASP A 204 28.25 -13.96 -4.35
C ASP A 204 27.75 -14.63 -3.08
N VAL A 205 26.48 -14.40 -2.74
CA VAL A 205 25.90 -15.01 -1.56
C VAL A 205 25.62 -16.49 -1.76
N ASP A 206 25.43 -16.94 -3.00
CA ASP A 206 25.05 -18.33 -3.24
C ASP A 206 26.13 -19.29 -2.77
N ALA A 207 27.40 -18.92 -2.96
CA ALA A 207 28.49 -19.79 -2.49
C ALA A 207 28.47 -19.94 -0.99
N VAL A 208 28.15 -18.85 -0.27
CA VAL A 208 28.08 -18.91 1.18
C VAL A 208 26.88 -19.76 1.63
N LEU A 209 25.75 -19.64 0.93
CA LEU A 209 24.55 -20.37 1.32
C LEU A 209 24.69 -21.87 1.15
N LYS A 210 25.64 -22.33 0.33
CA LYS A 210 25.80 -23.77 0.12
C LYS A 210 26.22 -24.47 1.40
N ALA A 211 27.12 -23.86 2.18
CA ALA A 211 27.60 -24.41 3.44
C ALA A 211 26.96 -23.65 4.59
N SER A 212 26.28 -24.36 5.48
CA SER A 212 25.66 -23.71 6.63
C SER A 212 26.70 -23.11 7.57
N ARG A 213 27.90 -23.70 7.63
CA ARG A 213 28.93 -23.17 8.51
C ARG A 213 29.46 -21.83 8.01
N ASN A 214 29.43 -21.60 6.69
CA ASN A 214 29.91 -20.34 6.14
C ASN A 214 29.08 -19.16 6.64
N ILE A 215 27.77 -19.36 6.80
CA ILE A 215 26.92 -18.29 7.31
C ILE A 215 27.28 -17.96 8.75
N ASP A 216 27.51 -18.98 9.58
CA ASP A 216 27.91 -18.73 10.96
C ASP A 216 29.30 -18.11 11.04
N THR A 217 30.19 -18.51 10.13
CA THR A 217 31.56 -17.97 10.14
C THR A 217 31.56 -16.48 9.86
N LEU A 218 30.73 -16.01 8.93
CA LEU A 218 30.66 -14.59 8.61
C LEU A 218 30.19 -13.79 9.81
N LEU A 219 29.20 -14.30 10.55
CA LEU A 219 28.71 -13.60 11.73
C LEU A 219 29.81 -13.48 12.79
N MET A 220 30.62 -14.52 12.95
CA MET A 220 31.72 -14.44 13.91
C MET A 220 32.82 -13.49 13.43
N MET A 221 32.95 -13.29 12.12
CA MET A 221 33.96 -12.38 11.60
C MET A 221 33.68 -10.94 12.05
N VAL A 222 32.40 -10.55 12.05
CA VAL A 222 32.04 -9.17 12.43
C VAL A 222 31.90 -9.00 13.93
N GLY A 223 32.13 -10.05 14.72
CA GLY A 223 32.15 -9.93 16.16
C GLY A 223 30.98 -10.55 16.90
N ILE A 224 30.07 -11.22 16.22
CA ILE A 224 28.92 -11.84 16.89
C ILE A 224 29.39 -13.12 17.59
N PRO A 225 29.15 -13.26 18.89
CA PRO A 225 29.61 -14.46 19.60
C PRO A 225 28.87 -15.71 19.14
N GLU A 226 29.53 -16.85 19.35
CA GLU A 226 28.94 -18.13 18.97
C GLU A 226 27.65 -18.41 19.74
N GLU A 227 27.62 -18.02 21.03
CA GLU A 227 26.44 -18.29 21.84
C GLU A 227 25.21 -17.56 21.29
N ILE A 228 25.40 -16.33 20.82
CA ILE A 228 24.26 -15.56 20.30
C ILE A 228 23.74 -16.18 19.01
N ILE A 229 24.64 -16.69 18.16
CA ILE A 229 24.24 -17.23 16.87
C ILE A 229 23.36 -18.45 17.05
N ARG A 230 23.78 -19.38 17.91
CA ARG A 230 23.03 -20.63 18.07
C ARG A 230 21.71 -20.41 18.79
N LYS A 231 21.68 -19.47 19.76
CA LYS A 231 20.43 -19.19 20.47
C LYS A 231 19.43 -18.48 19.56
N ALA A 232 19.92 -17.59 18.69
CA ALA A 232 19.04 -16.94 17.73
C ALA A 232 18.48 -17.94 16.72
N PHE A 233 19.32 -18.89 16.28
CA PHE A 233 18.86 -19.89 15.32
C PHE A 233 17.79 -20.79 15.93
N SER A 234 17.94 -21.13 17.21
CA SER A 234 16.89 -21.88 17.89
C SER A 234 15.59 -21.07 17.98
N THR A 235 15.70 -19.78 18.26
CA THR A 235 14.52 -18.92 18.27
C THR A 235 13.90 -18.82 16.89
N ILE A 236 14.73 -18.68 15.85
CA ILE A 236 14.21 -18.61 14.48
C ILE A 236 13.52 -19.93 14.10
N LYS A 237 14.13 -21.06 14.45
CA LYS A 237 13.51 -22.35 14.16
C LYS A 237 12.20 -22.50 14.93
N GLN A 238 12.15 -21.96 16.15
CA GLN A 238 10.91 -21.97 16.93
C GLN A 238 9.81 -21.19 16.22
N GLY A 239 10.14 -20.02 15.68
CA GLY A 239 9.17 -19.19 15.00
C GLY A 239 9.19 -17.75 15.45
N LYS A 240 9.74 -17.50 16.63
CA LYS A 240 9.83 -16.15 17.18
C LYS A 240 10.98 -15.39 16.52
N ILE A 241 11.03 -14.10 16.81
CA ILE A 241 12.05 -13.20 16.28
C ILE A 241 13.03 -12.86 17.39
N TYR A 242 14.30 -13.16 17.19
CA TYR A 242 15.32 -12.91 18.19
C TYR A 242 15.62 -11.42 18.29
N GLU A 243 15.94 -10.97 19.51
CA GLU A 243 16.25 -9.57 19.78
C GLU A 243 17.76 -9.42 19.94
N ARG A 244 18.35 -8.54 19.14
CA ARG A 244 19.80 -8.33 19.19
C ARG A 244 20.15 -7.47 20.41
N PRO A 245 21.03 -7.94 21.30
CA PRO A 245 21.40 -7.11 22.45
C PRO A 245 22.04 -5.80 22.03
N LYS A 246 21.70 -4.73 22.74
CA LYS A 246 22.14 -3.39 22.36
C LYS A 246 23.61 -3.13 22.67
N ASN A 247 24.22 -3.91 23.55
CA ASN A 247 25.63 -3.74 23.87
C ASN A 247 26.55 -4.31 22.79
N LEU A 248 26.01 -5.08 21.84
CA LEU A 248 26.81 -5.67 20.78
C LEU A 248 26.95 -4.67 19.63
N LYS A 249 28.20 -4.44 19.21
CA LYS A 249 28.51 -3.55 18.10
C LYS A 249 29.27 -4.35 17.05
N PRO A 250 28.59 -4.92 16.07
CA PRO A 250 29.25 -5.73 15.05
C PRO A 250 29.76 -4.89 13.89
N GLY A 251 30.51 -5.54 13.00
CA GLY A 251 31.03 -4.90 11.82
C GLY A 251 30.00 -4.82 10.71
N ILE A 252 30.44 -4.30 9.57
CA ILE A 252 29.59 -4.13 8.41
C ILE A 252 29.71 -5.36 7.52
N LEU A 253 28.58 -6.01 7.25
CA LEU A 253 28.52 -7.13 6.31
C LEU A 253 27.67 -6.70 5.13
N VAL A 254 28.23 -6.84 3.93
CA VAL A 254 27.57 -6.40 2.70
C VAL A 254 27.45 -7.60 1.77
N VAL A 255 26.23 -7.92 1.36
CA VAL A 255 25.94 -8.95 0.37
C VAL A 255 25.77 -8.25 -0.97
N SER A 256 26.56 -8.64 -1.96
CA SER A 256 26.61 -7.90 -3.21
C SER A 256 25.31 -8.01 -3.99
N SER A 257 24.81 -9.24 -4.18
CA SER A 257 23.65 -9.46 -5.02
C SER A 257 22.73 -10.49 -4.39
N ALA A 258 21.45 -10.14 -4.27
CA ALA A 258 20.42 -11.11 -3.94
C ALA A 258 19.99 -11.84 -5.22
N THR A 259 19.96 -13.17 -5.18
CA THR A 259 19.73 -13.97 -6.37
C THR A 259 18.46 -14.82 -6.30
N ALA A 260 17.55 -14.53 -5.36
CA ALA A 260 16.31 -15.25 -5.13
C ALA A 260 16.52 -16.73 -4.81
N LYS A 261 17.78 -17.15 -4.64
CA LYS A 261 18.15 -18.54 -4.32
C LYS A 261 17.94 -18.94 -2.86
N PRO A 262 18.22 -18.05 -1.86
CA PRO A 262 18.11 -18.51 -0.46
C PRO A 262 16.73 -19.05 -0.11
N ARG A 263 16.68 -20.35 0.16
CA ARG A 263 15.46 -21.03 0.53
C ARG A 263 15.52 -21.66 1.92
N GLY A 264 16.71 -21.81 2.49
CA GLY A 264 16.83 -22.37 3.82
C GLY A 264 16.49 -21.37 4.91
N ILE A 265 16.47 -21.86 6.15
CA ILE A 265 16.17 -21.03 7.30
C ILE A 265 17.41 -20.34 7.86
N ARG A 266 18.61 -20.76 7.46
CA ARG A 266 19.83 -20.12 7.93
C ARG A 266 19.93 -18.63 7.57
N PRO A 267 19.62 -18.18 6.36
CA PRO A 267 19.82 -16.75 6.03
C PRO A 267 19.02 -15.80 6.89
N LEU A 268 18.01 -16.28 7.63
CA LEU A 268 17.24 -15.41 8.51
C LEU A 268 18.03 -14.95 9.73
N LEU A 269 19.23 -15.50 9.95
CA LEU A 269 20.04 -15.06 11.09
C LEU A 269 20.48 -13.62 10.92
N PHE A 270 20.74 -13.18 9.69
CA PHE A 270 21.16 -11.81 9.45
C PHE A 270 20.07 -10.82 9.83
N ARG A 271 18.81 -11.20 9.68
CA ARG A 271 17.70 -10.29 9.95
C ARG A 271 17.66 -9.88 11.43
N ASP A 272 17.89 -10.83 12.33
CA ASP A 272 17.82 -10.55 13.75
C ASP A 272 19.14 -10.10 14.35
N LEU A 273 20.26 -10.53 13.78
CA LEU A 273 21.57 -10.22 14.35
C LEU A 273 22.20 -8.99 13.73
N LEU A 274 21.94 -8.72 12.44
CA LEU A 274 22.53 -7.57 11.77
C LEU A 274 21.47 -6.64 11.16
N ASN A 275 20.20 -6.88 11.45
CA ASN A 275 19.10 -5.98 11.05
C ASN A 275 19.00 -5.81 9.54
N PHE A 276 19.37 -6.83 8.77
CA PHE A 276 19.18 -6.78 7.33
C PHE A 276 18.89 -8.18 6.82
N THR A 277 18.14 -8.25 5.72
CA THR A 277 17.69 -9.51 5.15
C THR A 277 18.42 -9.79 3.86
N VAL A 278 19.02 -10.98 3.77
CA VAL A 278 19.54 -11.46 2.49
C VAL A 278 18.35 -11.80 1.62
N GLY A 279 18.04 -10.91 0.68
CA GLY A 279 16.76 -10.95 0.03
C GLY A 279 16.65 -12.03 -1.04
N ARG A 280 15.40 -12.38 -1.34
CA ARG A 280 15.06 -13.17 -2.51
C ARG A 280 14.64 -12.17 -3.59
N LEU A 281 15.60 -11.75 -4.40
CA LEU A 281 15.39 -10.63 -5.32
C LEU A 281 14.41 -11.03 -6.42
N VAL A 282 13.19 -10.48 -6.33
CA VAL A 282 12.18 -10.59 -7.38
C VAL A 282 12.03 -9.20 -7.99
N SER A 283 12.40 -9.07 -9.26
CA SER A 283 12.44 -7.78 -9.94
C SER A 283 11.17 -7.67 -10.77
N VAL A 284 10.17 -6.97 -10.25
CA VAL A 284 8.86 -6.82 -10.89
C VAL A 284 8.96 -5.73 -11.94
N ALA A 285 10.14 -5.09 -12.00
CA ALA A 285 10.39 -4.02 -12.95
C ALA A 285 10.51 -4.59 -14.36
N ARG A 286 9.59 -4.20 -15.25
CA ARG A 286 9.59 -4.70 -16.62
C ARG A 286 8.92 -3.69 -17.52
N ASN A 287 9.37 -3.64 -18.77
CA ASN A 287 8.82 -2.75 -19.79
C ASN A 287 8.50 -3.62 -21.01
N ILE A 288 7.30 -4.20 -21.02
CA ILE A 288 6.90 -5.16 -22.03
C ILE A 288 5.63 -4.66 -22.71
N THR A 289 5.61 -4.74 -24.04
CA THR A 289 4.40 -4.49 -24.81
C THR A 289 3.82 -5.84 -25.25
N HIS A 290 2.63 -6.14 -24.76
CA HIS A 290 1.96 -7.39 -25.09
C HIS A 290 1.03 -7.17 -26.29
N VAL A 291 1.21 -7.99 -27.32
CA VAL A 291 0.40 -7.91 -28.54
C VAL A 291 -0.18 -9.29 -28.81
N ARG A 292 -1.48 -9.34 -29.12
CA ARG A 292 -2.16 -10.59 -29.42
C ARG A 292 -2.58 -10.62 -30.87
N ILE A 293 -2.21 -11.69 -31.57
CA ILE A 293 -2.62 -11.92 -32.94
C ILE A 293 -3.79 -12.88 -32.93
N SER A 294 -4.91 -12.47 -33.54
CA SER A 294 -6.16 -13.19 -33.40
C SER A 294 -6.11 -14.59 -34.02
N SER A 295 -5.21 -14.84 -34.96
CA SER A 295 -5.13 -16.14 -35.60
C SER A 295 -3.92 -16.91 -35.08
N ARG A 296 -3.88 -18.19 -35.43
CA ARG A 296 -2.71 -19.01 -35.14
C ARG A 296 -2.21 -19.64 -36.44
N SER A 297 -2.08 -18.82 -37.48
CA SER A 297 -1.64 -19.28 -38.78
C SER A 297 -0.11 -19.25 -38.86
N LYS A 298 0.47 -20.31 -39.44
CA LYS A 298 1.91 -20.37 -39.61
C LYS A 298 2.41 -19.27 -40.54
N GLU A 299 1.58 -18.87 -41.51
CA GLU A 299 1.99 -17.83 -42.46
C GLU A 299 2.22 -16.50 -41.76
N LYS A 300 1.33 -16.13 -40.83
CA LYS A 300 1.50 -14.87 -40.13
C LYS A 300 2.64 -14.92 -39.12
N LEU A 301 2.99 -16.11 -38.63
CA LEU A 301 4.18 -16.23 -37.78
C LEU A 301 5.46 -15.92 -38.57
N VAL A 302 5.54 -16.40 -39.81
CA VAL A 302 6.73 -16.15 -40.63
C VAL A 302 6.88 -14.66 -40.90
N GLU A 303 5.77 -13.99 -41.24
CA GLU A 303 5.83 -12.55 -41.50
C GLU A 303 6.31 -11.79 -40.26
N LEU A 304 5.86 -12.21 -39.08
CA LEU A 304 6.33 -11.56 -37.85
C LEU A 304 7.81 -11.83 -37.60
N LEU A 305 8.25 -13.07 -37.85
CA LEU A 305 9.65 -13.41 -37.62
C LEU A 305 10.57 -12.66 -38.57
N GLU A 306 10.09 -12.32 -39.76
CA GLU A 306 10.90 -11.55 -40.71
C GLU A 306 11.04 -10.09 -40.32
N ILE A 307 10.30 -9.63 -39.31
CA ILE A 307 10.46 -8.28 -38.80
C ILE A 307 11.43 -8.24 -37.63
N PHE A 308 11.26 -9.16 -36.66
CA PHE A 308 12.17 -9.23 -35.52
C PHE A 308 13.56 -9.71 -35.96
N ARG A 309 13.60 -10.81 -36.72
CA ARG A 309 14.78 -11.31 -37.42
C ARG A 309 15.85 -11.91 -36.53
N ASP A 310 15.75 -11.74 -35.21
CA ASP A 310 16.80 -12.20 -34.31
C ASP A 310 16.36 -12.03 -32.88
N GLY A 311 16.94 -12.84 -31.99
CA GLY A 311 16.66 -12.74 -30.57
C GLY A 311 15.21 -13.05 -30.24
N ILE A 312 14.68 -14.13 -30.81
CA ILE A 312 13.28 -14.47 -30.70
C ILE A 312 13.15 -15.79 -29.97
N LEU A 313 12.25 -15.85 -28.99
CA LEU A 313 11.87 -17.09 -28.32
C LEU A 313 10.44 -17.43 -28.68
N ILE A 314 10.20 -18.69 -29.05
CA ILE A 314 8.87 -19.18 -29.34
C ILE A 314 8.51 -20.24 -28.30
N PHE A 315 7.46 -20.00 -27.54
CA PHE A 315 7.00 -20.92 -26.51
C PHE A 315 5.75 -21.64 -27.01
N ALA A 316 5.86 -22.96 -27.14
CA ALA A 316 4.73 -23.80 -27.54
C ALA A 316 4.10 -24.44 -26.31
N GLN A 317 2.83 -24.79 -26.43
CA GLN A 317 2.11 -25.36 -25.30
C GLN A 317 2.62 -26.76 -24.96
N THR A 318 2.88 -27.58 -25.97
CA THR A 318 3.33 -28.95 -25.77
C THR A 318 4.56 -29.20 -26.64
N GLU A 319 5.28 -30.28 -26.30
CA GLU A 319 6.47 -30.65 -27.06
C GLU A 319 6.12 -31.06 -28.49
N GLU A 320 4.97 -31.71 -28.66
CA GLU A 320 4.55 -32.12 -30.00
C GLU A 320 4.30 -30.92 -30.90
N GLU A 321 3.66 -29.87 -30.37
CA GLU A 321 3.43 -28.67 -31.16
C GLU A 321 4.73 -27.93 -31.43
N GLY A 322 5.65 -27.93 -30.45
CA GLY A 322 6.94 -27.30 -30.66
C GLY A 322 7.73 -27.95 -31.78
N LYS A 323 7.72 -29.28 -31.84
CA LYS A 323 8.38 -29.97 -32.93
C LYS A 323 7.74 -29.62 -34.28
N GLU A 324 6.42 -29.45 -34.28
CA GLU A 324 5.73 -29.06 -35.51
C GLU A 324 6.20 -27.70 -35.99
N LEU A 325 6.38 -26.74 -35.08
CA LEU A 325 6.87 -25.43 -35.47
C LEU A 325 8.34 -25.48 -35.87
N TYR A 326 9.14 -26.32 -35.22
CA TYR A 326 10.56 -26.39 -35.53
C TYR A 326 10.79 -26.85 -36.96
N GLU A 327 10.03 -27.85 -37.41
CA GLU A 327 10.19 -28.34 -38.77
C GLU A 327 9.60 -27.39 -39.81
N TYR A 328 8.50 -26.71 -39.48
CA TYR A 328 7.95 -25.72 -40.41
C TYR A 328 8.92 -24.56 -40.60
N LEU A 329 9.54 -24.10 -39.52
CA LEU A 329 10.52 -23.03 -39.60
C LEU A 329 11.87 -23.50 -40.13
N LYS A 330 12.04 -24.81 -40.33
CA LYS A 330 13.23 -25.32 -40.99
C LYS A 330 13.03 -25.51 -42.49
N ARG A 331 11.81 -25.83 -42.92
CA ARG A 331 11.53 -25.88 -44.35
C ARG A 331 11.74 -24.51 -45.00
N PHE A 332 11.18 -23.47 -44.41
CA PHE A 332 11.51 -22.10 -44.78
C PHE A 332 12.85 -21.73 -44.15
N LYS A 333 13.68 -21.02 -44.90
CA LYS A 333 15.05 -20.76 -44.47
C LYS A 333 15.04 -19.84 -43.25
N PHE A 334 15.23 -20.44 -42.07
CA PHE A 334 15.30 -19.72 -40.81
C PHE A 334 16.32 -20.38 -39.92
N ASN A 335 17.05 -19.56 -39.17
CA ASN A 335 18.03 -20.06 -38.20
C ASN A 335 17.28 -20.34 -36.90
N VAL A 336 16.80 -21.57 -36.76
CA VAL A 336 15.88 -21.94 -35.69
C VAL A 336 16.47 -23.09 -34.89
N GLY A 337 16.24 -23.07 -33.57
CA GLY A 337 16.70 -24.13 -32.70
C GLY A 337 15.59 -24.59 -31.77
N GLU A 338 15.88 -25.66 -31.03
CA GLU A 338 14.94 -26.26 -30.11
C GLU A 338 15.63 -26.54 -28.79
N THR A 339 14.84 -26.62 -27.71
CA THR A 339 15.38 -26.74 -26.36
C THR A 339 14.85 -27.95 -25.60
N TRP A 340 14.33 -28.97 -26.29
CA TRP A 340 13.84 -30.16 -25.60
C TRP A 340 14.75 -31.38 -25.74
N SER A 341 15.33 -31.62 -26.92
CA SER A 341 16.26 -32.72 -27.08
C SER A 341 17.69 -32.36 -26.66
N GLU A 342 18.05 -31.08 -26.75
CA GLU A 342 19.37 -30.61 -26.33
C GLU A 342 19.24 -29.14 -25.97
N PHE A 343 19.48 -28.81 -24.70
CA PHE A 343 19.26 -27.44 -24.26
C PHE A 343 20.54 -26.60 -24.28
N GLU A 344 21.62 -27.11 -23.68
CA GLU A 344 22.81 -26.29 -23.48
C GLU A 344 23.44 -25.87 -24.79
N LYS A 345 23.54 -26.79 -25.75
CA LYS A 345 24.15 -26.44 -27.03
C LYS A 345 23.30 -25.44 -27.81
N ASN A 346 21.98 -25.67 -27.86
CA ASN A 346 21.11 -24.80 -28.64
C ASN A 346 21.00 -23.42 -28.02
N PHE A 347 20.96 -23.34 -26.69
CA PHE A 347 20.93 -22.03 -26.03
C PHE A 347 22.24 -21.28 -26.24
N GLU A 348 23.37 -22.00 -26.19
CA GLU A 348 24.66 -21.37 -26.44
C GLU A 348 24.75 -20.85 -27.87
N ASP A 349 24.26 -21.64 -28.84
CA ASP A 349 24.22 -21.18 -30.22
C ASP A 349 23.33 -19.95 -30.36
N PHE A 350 22.21 -19.93 -29.66
CA PHE A 350 21.36 -18.75 -29.64
C PHE A 350 22.07 -17.56 -29.01
N LYS A 351 22.82 -17.80 -27.93
CA LYS A 351 23.51 -16.70 -27.26
C LYS A 351 24.56 -16.07 -28.16
N VAL A 352 25.35 -16.89 -28.86
CA VAL A 352 26.46 -16.37 -29.66
C VAL A 352 26.02 -15.83 -31.02
N GLY A 353 24.74 -15.94 -31.36
CA GLY A 353 24.25 -15.48 -32.64
C GLY A 353 24.19 -16.53 -33.73
N LYS A 354 24.59 -17.77 -33.44
CA LYS A 354 24.50 -18.83 -34.43
C LYS A 354 23.05 -19.13 -34.79
N ILE A 355 22.14 -18.99 -33.84
CA ILE A 355 20.72 -19.30 -34.03
C ILE A 355 19.91 -18.05 -33.72
N ASN A 356 19.01 -17.68 -34.63
CA ASN A 356 18.17 -16.50 -34.48
C ASN A 356 16.92 -16.75 -33.65
N ILE A 357 16.26 -17.90 -33.85
CA ILE A 357 14.99 -18.20 -33.21
C ILE A 357 15.16 -19.47 -32.38
N LEU A 358 14.76 -19.41 -31.12
CA LEU A 358 14.87 -20.55 -30.21
C LEU A 358 13.48 -20.95 -29.76
N ILE A 359 13.10 -22.20 -30.03
CA ILE A 359 11.77 -22.72 -29.73
C ILE A 359 11.84 -23.57 -28.47
N GLY A 360 10.89 -23.35 -27.56
CA GLY A 360 10.81 -24.12 -26.34
C GLY A 360 9.37 -24.49 -26.02
N VAL A 361 9.21 -25.18 -24.89
CA VAL A 361 7.91 -25.65 -24.42
C VAL A 361 7.58 -24.93 -23.12
N GLN A 362 6.42 -24.29 -23.08
CA GLN A 362 6.03 -23.54 -21.89
C GLN A 362 5.90 -24.49 -20.70
N ALA A 363 6.38 -24.02 -19.54
CA ALA A 363 6.32 -24.78 -18.30
C ALA A 363 6.65 -23.84 -17.16
N TYR A 364 5.92 -23.99 -16.05
CA TYR A 364 6.17 -23.14 -14.90
C TYR A 364 7.54 -23.43 -14.31
N TYR A 365 8.35 -22.38 -14.17
CA TYR A 365 9.74 -22.49 -13.74
C TYR A 365 10.56 -23.37 -14.68
N GLY A 366 10.17 -23.41 -15.96
CA GLY A 366 10.95 -24.14 -16.94
C GLY A 366 12.28 -23.47 -17.21
N LYS A 367 13.20 -24.26 -17.77
CA LYS A 367 14.56 -23.76 -17.99
C LYS A 367 14.57 -22.58 -18.95
N LEU A 368 13.81 -22.67 -20.05
CA LEU A 368 13.70 -21.55 -20.97
C LEU A 368 12.69 -20.51 -20.48
N THR A 369 11.66 -20.94 -19.75
CA THR A 369 10.64 -20.02 -19.29
C THR A 369 11.17 -19.10 -18.20
N ARG A 370 11.93 -19.64 -17.24
CA ARG A 370 12.36 -18.87 -16.09
C ARG A 370 13.86 -19.02 -15.84
N GLY A 371 14.42 -20.18 -16.19
CA GLY A 371 15.79 -20.48 -15.82
C GLY A 371 16.83 -19.59 -16.48
N VAL A 372 16.62 -19.27 -17.75
CA VAL A 372 17.60 -18.47 -18.50
C VAL A 372 17.44 -17.01 -18.13
N ASP A 373 18.55 -16.27 -18.21
CA ASP A 373 18.58 -14.83 -17.94
C ASP A 373 19.54 -14.21 -18.95
N LEU A 374 18.99 -13.71 -20.06
CA LEU A 374 19.81 -13.13 -21.13
C LEU A 374 18.99 -12.08 -21.86
N PRO A 375 18.66 -10.97 -21.20
CA PRO A 375 17.90 -9.91 -21.87
C PRO A 375 18.67 -9.24 -23.00
N GLU A 376 20.00 -9.37 -23.02
CA GLU A 376 20.77 -8.83 -24.13
C GLU A 376 20.38 -9.48 -25.45
N ARG A 377 20.20 -10.80 -25.44
CA ARG A 377 19.83 -11.54 -26.63
C ARG A 377 18.32 -11.72 -26.77
N ILE A 378 17.64 -12.06 -25.68
CA ILE A 378 16.20 -12.30 -25.72
C ILE A 378 15.49 -10.96 -25.84
N LYS A 379 14.91 -10.69 -27.01
CA LYS A 379 14.21 -9.45 -27.28
C LYS A 379 12.73 -9.62 -27.51
N TYR A 380 12.33 -10.68 -28.22
CA TYR A 380 10.95 -10.93 -28.57
C TYR A 380 10.54 -12.31 -28.09
N VAL A 381 9.41 -12.40 -27.41
CA VAL A 381 8.88 -13.65 -26.89
C VAL A 381 7.53 -13.90 -27.54
N ILE A 382 7.42 -15.01 -28.27
CA ILE A 382 6.22 -15.37 -29.01
C ILE A 382 5.64 -16.63 -28.41
N PHE A 383 4.33 -16.61 -28.13
CA PHE A 383 3.62 -17.75 -27.57
C PHE A 383 2.70 -18.34 -28.64
N TRP A 384 2.92 -19.61 -28.97
CA TRP A 384 2.06 -20.32 -29.91
C TRP A 384 0.91 -20.94 -29.13
N GLY A 385 -0.07 -20.10 -28.82
CA GLY A 385 -1.14 -20.48 -27.93
C GLY A 385 -0.89 -19.94 -26.54
N THR A 386 -1.95 -19.52 -25.86
CA THR A 386 -1.80 -18.99 -24.51
C THR A 386 -1.36 -20.09 -23.56
N PRO A 387 -0.33 -19.86 -22.75
CA PRO A 387 0.08 -20.87 -21.77
C PRO A 387 -1.08 -21.17 -20.81
N SER A 388 -1.40 -22.46 -20.69
CA SER A 388 -2.55 -22.89 -19.92
C SER A 388 -2.13 -23.96 -18.92
N MET A 389 -2.91 -24.08 -17.85
CA MET A 389 -2.67 -25.05 -16.79
C MET A 389 -3.96 -25.76 -16.45
N ARG A 390 -3.83 -26.89 -15.79
CA ARG A 390 -4.98 -27.69 -15.36
C ARG A 390 -5.29 -27.38 -13.90
N PHE A 391 -6.53 -27.01 -13.63
CA PHE A 391 -7.00 -26.66 -12.30
C PHE A 391 -8.11 -27.61 -11.88
N SER A 392 -8.09 -28.00 -10.61
CA SER A 392 -9.10 -28.87 -9.99
C SER A 392 -8.98 -30.30 -10.48
N LEU A 393 -9.75 -31.22 -9.88
CA LEU A 393 -9.69 -32.61 -10.27
C LEU A 393 -10.26 -32.83 -11.67
N GLU A 394 -11.26 -32.05 -12.06
CA GLU A 394 -11.84 -32.15 -13.40
C GLU A 394 -10.92 -31.63 -14.49
N GLU A 395 -9.69 -31.23 -14.15
CA GLU A 395 -8.71 -30.78 -15.13
C GLU A 395 -9.23 -29.60 -15.96
N LEU A 396 -9.74 -28.59 -15.26
CA LEU A 396 -10.13 -27.36 -15.93
C LEU A 396 -8.93 -26.70 -16.58
N ILE A 397 -9.09 -26.26 -17.83
CA ILE A 397 -8.03 -25.62 -18.58
C ILE A 397 -8.19 -24.12 -18.44
N ILE A 398 -7.27 -23.49 -17.71
CA ILE A 398 -7.32 -22.05 -17.46
C ILE A 398 -5.97 -21.46 -17.87
N PRO A 399 -5.92 -20.17 -18.22
CA PRO A 399 -4.62 -19.56 -18.52
C PRO A 399 -3.69 -19.59 -17.32
N ASP A 400 -2.39 -19.77 -17.59
CA ASP A 400 -1.36 -19.76 -16.56
C ASP A 400 -0.63 -18.42 -16.68
N VAL A 401 -1.15 -17.41 -15.96
CA VAL A 401 -0.59 -16.07 -16.07
C VAL A 401 0.82 -16.01 -15.50
N TYR A 402 1.09 -16.77 -14.43
CA TYR A 402 2.41 -16.71 -13.81
C TYR A 402 3.48 -17.27 -14.73
N THR A 403 3.18 -18.34 -15.47
CA THR A 403 4.09 -18.80 -16.50
C THR A 403 4.26 -17.76 -17.60
N TYR A 404 3.16 -17.13 -18.00
CA TYR A 404 3.24 -16.09 -19.03
C TYR A 404 4.09 -14.92 -18.55
N ILE A 405 3.93 -14.52 -17.29
CA ILE A 405 4.74 -13.45 -16.74
C ILE A 405 6.22 -13.82 -16.73
N GLN A 406 6.52 -15.05 -16.31
CA GLN A 406 7.91 -15.50 -16.29
C GLN A 406 8.49 -15.59 -17.69
N ALA A 407 7.77 -16.23 -18.62
CA ALA A 407 8.29 -16.41 -19.97
C ALA A 407 8.46 -15.08 -20.69
N SER A 408 7.47 -14.18 -20.57
CA SER A 408 7.60 -12.87 -21.19
C SER A 408 8.66 -12.02 -20.51
N GLY A 409 8.95 -12.30 -19.24
CA GLY A 409 9.94 -11.52 -18.51
C GLY A 409 11.36 -11.80 -18.93
N ARG A 410 11.60 -12.81 -19.76
CA ARG A 410 12.94 -13.09 -20.28
C ARG A 410 13.42 -12.01 -21.24
N SER A 411 12.54 -11.14 -21.71
CA SER A 411 12.90 -10.11 -22.67
C SER A 411 12.99 -8.72 -22.07
N SER A 412 12.76 -8.56 -20.76
CA SER A 412 12.75 -7.24 -20.15
C SER A 412 13.13 -7.34 -18.68
N ARG A 413 14.18 -6.61 -18.30
CA ARG A 413 14.57 -6.42 -16.91
C ARG A 413 15.50 -5.22 -16.87
N ILE A 414 15.90 -4.83 -15.66
CA ILE A 414 16.83 -3.72 -15.50
C ILE A 414 18.23 -4.27 -15.78
N LEU A 415 18.73 -4.02 -16.98
CA LEU A 415 20.01 -4.54 -17.45
C LEU A 415 21.02 -3.40 -17.46
N ASN A 416 22.08 -3.54 -16.66
CA ASN A 416 23.13 -2.53 -16.54
C ASN A 416 22.56 -1.17 -16.16
N GLY A 417 21.53 -1.17 -15.33
CA GLY A 417 20.88 0.06 -14.91
C GLY A 417 19.83 0.59 -15.86
N VAL A 418 19.59 -0.07 -16.99
CA VAL A 418 18.61 0.37 -17.98
C VAL A 418 17.55 -0.71 -18.12
N LEU A 419 16.30 -0.33 -17.93
CA LEU A 419 15.17 -1.24 -18.11
C LEU A 419 14.94 -1.43 -19.61
N VAL A 420 15.51 -2.51 -20.16
CA VAL A 420 15.41 -2.75 -21.59
C VAL A 420 13.98 -3.11 -21.96
N LYS A 421 13.60 -2.76 -23.19
CA LYS A 421 12.24 -2.98 -23.68
C LYS A 421 12.10 -4.38 -24.24
N GLY A 422 10.94 -5.00 -23.98
CA GLY A 422 10.65 -6.31 -24.51
C GLY A 422 9.30 -6.32 -25.21
N VAL A 423 9.15 -7.26 -26.14
CA VAL A 423 7.92 -7.45 -26.90
C VAL A 423 7.44 -8.87 -26.70
N SER A 424 6.20 -9.02 -26.27
CA SER A 424 5.57 -10.32 -26.08
C SER A 424 4.39 -10.44 -27.04
N VAL A 425 4.37 -11.51 -27.83
CA VAL A 425 3.34 -11.72 -28.84
C VAL A 425 2.65 -13.05 -28.56
N ILE A 426 1.32 -13.03 -28.55
CA ILE A 426 0.51 -14.22 -28.27
C ILE A 426 -0.34 -14.51 -29.50
N PHE A 427 -0.20 -15.73 -30.02
CA PHE A 427 -1.08 -16.23 -31.07
C PHE A 427 -2.22 -17.00 -30.39
N GLU A 428 -3.42 -16.42 -30.42
CA GLU A 428 -4.55 -17.05 -29.74
C GLU A 428 -5.82 -16.80 -30.52
N GLU A 429 -6.57 -17.87 -30.80
CA GLU A 429 -7.86 -17.79 -31.47
C GLU A 429 -9.04 -17.84 -30.51
N ASP A 430 -8.88 -18.48 -29.34
CA ASP A 430 -9.96 -18.60 -28.37
C ASP A 430 -10.12 -17.27 -27.65
N GLU A 431 -11.24 -16.60 -27.88
CA GLU A 431 -11.48 -15.31 -27.24
C GLU A 431 -11.65 -15.46 -25.73
N GLU A 432 -12.30 -16.54 -25.28
CA GLU A 432 -12.52 -16.73 -23.86
C GLU A 432 -11.19 -16.93 -23.12
N ILE A 433 -10.28 -17.71 -23.70
CA ILE A 433 -8.96 -17.88 -23.09
C ILE A 433 -8.20 -16.55 -23.07
N PHE A 434 -8.23 -15.82 -24.19
CA PHE A 434 -7.49 -14.56 -24.26
C PHE A 434 -8.03 -13.53 -23.28
N GLU A 435 -9.37 -13.41 -23.17
CA GLU A 435 -9.94 -12.44 -22.24
C GLU A 435 -9.66 -12.81 -20.80
N SER A 436 -9.64 -14.12 -20.50
CA SER A 436 -9.26 -14.55 -19.16
C SER A 436 -7.81 -14.21 -18.86
N LEU A 437 -6.93 -14.34 -19.86
CA LEU A 437 -5.53 -13.98 -19.66
C LEU A 437 -5.37 -12.49 -19.38
N LYS A 438 -6.14 -11.64 -20.08
CA LYS A 438 -6.00 -10.20 -19.90
C LYS A 438 -6.36 -9.78 -18.48
N THR A 439 -7.46 -10.32 -17.94
CA THR A 439 -7.88 -9.93 -16.59
C THR A 439 -6.87 -10.37 -15.55
N ARG A 440 -6.31 -11.57 -15.70
CA ARG A 440 -5.28 -12.02 -14.77
C ARG A 440 -4.04 -11.16 -14.85
N LEU A 441 -3.63 -10.79 -16.07
CA LEU A 441 -2.44 -9.95 -16.21
C LEU A 441 -2.69 -8.56 -15.64
N LEU A 442 -3.90 -8.03 -15.80
CA LEU A 442 -4.24 -6.76 -15.16
C LEU A 442 -4.19 -6.87 -13.64
N LEU A 443 -4.69 -7.97 -13.10
CA LEU A 443 -4.75 -8.12 -11.64
C LEU A 443 -3.36 -8.26 -11.04
N ILE A 444 -2.48 -9.02 -11.69
CA ILE A 444 -1.18 -9.34 -11.11
C ILE A 444 -0.12 -8.31 -11.48
N ALA A 445 0.00 -7.98 -12.77
CA ALA A 445 1.07 -7.12 -13.24
C ALA A 445 0.60 -5.76 -13.73
N GLU A 446 -0.71 -5.53 -13.84
CA GLU A 446 -1.26 -4.28 -14.36
C GLU A 446 -0.72 -3.98 -15.76
N GLU A 447 -0.55 -5.04 -16.55
CA GLU A 447 -0.06 -4.92 -17.92
C GLU A 447 -1.18 -5.30 -18.89
N GLU A 448 -1.37 -4.48 -19.91
CA GLU A 448 -2.43 -4.70 -20.89
C GLU A 448 -1.88 -5.42 -22.11
N ILE A 449 -2.79 -6.07 -22.84
CA ILE A 449 -2.47 -6.76 -24.09
C ILE A 449 -3.27 -6.09 -25.20
N ILE A 450 -2.56 -5.50 -26.15
CA ILE A 450 -3.21 -4.80 -27.25
C ILE A 450 -3.35 -5.75 -28.43
N GLU A 451 -4.27 -5.40 -29.35
CA GLU A 451 -4.49 -6.20 -30.53
C GLU A 451 -3.41 -5.94 -31.57
N GLU A 452 -3.41 -6.76 -32.63
CA GLU A 452 -2.38 -6.67 -33.65
C GLU A 452 -2.42 -5.32 -34.36
N ALA A 453 -3.61 -4.80 -34.63
CA ALA A 453 -3.73 -3.53 -35.34
C ALA A 453 -3.19 -2.38 -34.52
N GLU A 454 -3.36 -2.40 -33.19
CA GLU A 454 -2.87 -1.31 -32.36
C GLU A 454 -1.35 -1.26 -32.34
N ALA A 455 -0.69 -2.40 -32.54
CA ALA A 455 0.76 -2.47 -32.45
C ALA A 455 1.40 -1.84 -33.68
N ASN A 456 2.59 -1.27 -33.46
CA ASN A 456 3.42 -0.73 -34.54
C ASN A 456 4.78 -1.41 -34.41
N TRP A 457 5.03 -2.41 -35.28
CA TRP A 457 6.20 -3.25 -35.11
C TRP A 457 7.50 -2.48 -35.31
N LYS A 458 7.50 -1.50 -36.22
CA LYS A 458 8.70 -0.71 -36.45
C LYS A 458 9.09 0.07 -35.20
N GLU A 459 8.12 0.67 -34.52
CA GLU A 459 8.41 1.39 -33.29
C GLU A 459 8.93 0.45 -32.20
N LEU A 460 8.29 -0.73 -32.06
CA LEU A 460 8.69 -1.66 -31.01
C LEU A 460 10.10 -2.19 -31.24
N VAL A 461 10.43 -2.51 -32.48
CA VAL A 461 11.78 -3.00 -32.79
C VAL A 461 12.82 -1.93 -32.49
N HIS A 462 12.55 -0.68 -32.90
CA HIS A 462 13.44 0.42 -32.57
C HIS A 462 13.52 0.63 -31.06
N GLU A 463 12.39 0.53 -30.38
CA GLU A 463 12.38 0.64 -28.92
C GLU A 463 13.17 -0.49 -28.28
N VAL A 464 13.14 -1.68 -28.88
CA VAL A 464 13.93 -2.80 -28.35
C VAL A 464 15.42 -2.56 -28.60
N GLU A 465 15.78 -2.13 -29.81
CA GLU A 465 17.19 -1.95 -30.16
C GLU A 465 17.81 -0.79 -29.39
N GLU A 466 17.09 0.33 -29.28
CA GLU A 466 17.66 1.51 -28.63
C GLU A 466 17.84 1.30 -27.13
N SER A 467 16.89 0.61 -26.50
CA SER A 467 17.00 0.38 -25.05
C SER A 467 18.24 -0.46 -24.72
N ARG A 468 18.51 -1.48 -25.53
CA ARG A 468 19.73 -2.27 -25.31
C ARG A 468 20.97 -1.49 -25.71
N ARG A 469 20.84 -0.55 -26.65
CA ARG A 469 21.96 0.32 -26.98
C ARG A 469 22.38 1.16 -25.78
N ARG A 470 21.41 1.66 -25.02
CA ARG A 470 21.72 2.47 -23.85
C ARG A 470 22.30 1.63 -22.71
N SER A 471 21.92 0.35 -22.63
CA SER A 471 22.47 -0.51 -21.59
C SER A 471 23.91 -0.91 -21.89
N GLU A 472 24.28 -0.98 -23.18
CA GLU A 472 25.64 -1.39 -23.53
C GLU A 472 26.65 -0.28 -23.27
N ARG A 473 26.24 0.98 -23.38
CA ARG A 473 27.16 2.10 -23.20
C ARG A 473 27.22 2.52 -21.74
N GLU A 474 28.30 3.21 -21.39
CA GLU A 474 28.47 3.75 -20.04
C GLU A 474 27.43 4.83 -19.81
N LEU A 475 26.40 4.50 -19.04
CA LEU A 475 25.27 5.40 -18.83
C LEU A 475 25.62 6.46 -17.80
N THR A 476 25.17 7.69 -18.06
CA THR A 476 25.29 8.74 -17.07
C THR A 476 24.32 8.46 -15.91
N ASP A 477 24.81 8.58 -14.69
CA ASP A 477 24.01 8.19 -13.52
C ASP A 477 22.92 9.21 -13.26
N THR A 478 21.68 8.75 -13.25
CA THR A 478 20.54 9.55 -12.83
C THR A 478 19.73 8.88 -11.74
N SER A 479 20.18 7.73 -11.23
CA SER A 479 19.42 6.99 -10.25
C SER A 479 19.33 7.75 -8.93
N ARG A 480 18.19 7.59 -8.25
CA ARG A 480 17.93 8.22 -6.97
C ARG A 480 17.36 7.20 -6.01
N SER A 481 17.52 7.45 -4.72
CA SER A 481 16.93 6.65 -3.67
C SER A 481 15.72 7.38 -3.12
N LEU A 482 14.55 6.74 -3.17
CA LEU A 482 13.30 7.35 -2.78
C LEU A 482 12.72 6.61 -1.58
N LEU A 483 12.31 7.36 -0.56
CA LEU A 483 11.68 6.80 0.63
C LEU A 483 10.20 7.15 0.63
N ILE A 484 9.35 6.14 0.75
CA ILE A 484 7.91 6.31 0.79
C ILE A 484 7.44 5.92 2.18
N ILE A 485 6.75 6.83 2.86
CA ILE A 485 6.27 6.62 4.23
C ILE A 485 4.76 6.51 4.20
N VAL A 486 4.23 5.37 4.63
CA VAL A 486 2.80 5.15 4.73
C VAL A 486 2.47 4.82 6.19
N GLU A 487 1.17 4.79 6.49
CA GLU A 487 0.72 4.52 7.85
C GLU A 487 0.19 3.10 8.04
N SER A 488 -0.15 2.41 6.97
CA SER A 488 -0.79 1.10 7.07
C SER A 488 0.17 0.01 6.61
N PRO A 489 0.42 -1.01 7.43
CA PRO A 489 1.20 -2.16 6.95
C PRO A 489 0.56 -2.83 5.74
N THR A 490 -0.77 -2.87 5.67
CA THR A 490 -1.44 -3.46 4.53
C THR A 490 -1.11 -2.74 3.23
N LYS A 491 -1.05 -1.39 3.29
CA LYS A 491 -0.65 -0.63 2.12
C LYS A 491 0.77 -0.96 1.71
N ALA A 492 1.67 -1.09 2.69
CA ALA A 492 3.06 -1.42 2.39
C ALA A 492 3.19 -2.77 1.71
N GLU A 493 2.42 -3.77 2.18
CA GLU A 493 2.46 -5.08 1.55
C GLU A 493 1.89 -5.03 0.14
N THR A 494 0.87 -4.21 -0.08
CA THR A 494 0.34 -4.04 -1.43
C THR A 494 1.34 -3.34 -2.33
N LEU A 495 2.07 -2.34 -1.79
CA LEU A 495 3.09 -1.66 -2.59
C LEU A 495 4.18 -2.63 -3.03
N SER A 496 4.60 -3.51 -2.13
CA SER A 496 5.70 -4.44 -2.42
C SER A 496 5.34 -5.42 -3.53
N ARG A 497 4.05 -5.65 -3.79
CA ARG A 497 3.67 -6.61 -4.81
C ARG A 497 3.89 -6.07 -6.21
N PHE A 498 3.77 -4.76 -6.42
CA PHE A 498 4.06 -4.16 -7.71
C PHE A 498 5.36 -3.38 -7.71
N LEU A 499 6.06 -3.29 -6.58
CA LEU A 499 7.39 -2.71 -6.52
C LEU A 499 8.48 -3.73 -6.31
N GLY A 500 8.18 -4.84 -5.64
CA GLY A 500 9.17 -5.87 -5.38
C GLY A 500 9.67 -5.85 -3.95
N ARG A 501 9.61 -6.99 -3.27
CA ARG A 501 10.16 -7.11 -1.91
C ARG A 501 11.57 -7.68 -2.01
N ALA A 502 12.48 -6.83 -2.50
CA ALA A 502 13.85 -7.27 -2.76
C ALA A 502 14.59 -7.56 -1.47
N SER A 503 14.51 -6.67 -0.48
CA SER A 503 15.18 -6.87 0.79
C SER A 503 14.47 -6.06 1.86
N SER A 504 14.76 -6.38 3.11
CA SER A 504 14.16 -5.72 4.27
C SER A 504 15.25 -5.35 5.27
N ARG A 505 15.04 -4.23 5.97
CA ARG A 505 15.92 -3.80 7.04
C ARG A 505 15.10 -3.55 8.29
N LYS A 506 15.51 -4.15 9.40
CA LYS A 506 14.83 -3.95 10.68
C LYS A 506 15.41 -2.70 11.32
N GLU A 507 14.67 -1.61 11.26
CA GLU A 507 15.10 -0.32 11.80
C GLU A 507 14.21 0.01 12.99
N ARG A 508 14.66 -0.40 14.18
CA ARG A 508 13.96 -0.16 15.44
C ARG A 508 12.56 -0.77 15.33
N ASN A 509 11.49 -0.01 15.56
CA ASN A 509 10.14 -0.56 15.47
C ASN A 509 9.78 -0.97 14.04
N ILE A 510 10.16 -0.16 13.07
CA ILE A 510 9.62 -0.28 11.72
C ILE A 510 10.52 -1.19 10.88
N ILE A 511 9.95 -1.69 9.78
CA ILE A 511 10.67 -2.52 8.80
C ILE A 511 10.66 -1.75 7.49
N VAL A 512 11.86 -1.45 6.98
CA VAL A 512 12.02 -0.67 5.75
C VAL A 512 12.33 -1.63 4.61
N HIS A 513 11.42 -1.73 3.64
CA HIS A 513 11.63 -2.58 2.48
C HIS A 513 12.40 -1.85 1.40
N GLU A 514 13.04 -2.62 0.52
CA GLU A 514 13.81 -2.09 -0.58
C GLU A 514 13.36 -2.72 -1.88
N ALA A 515 13.41 -1.93 -2.95
CA ALA A 515 13.01 -2.39 -4.27
C ALA A 515 13.84 -1.68 -5.32
N VAL A 516 13.92 -2.30 -6.50
CA VAL A 516 14.68 -1.75 -7.62
C VAL A 516 13.69 -1.30 -8.68
N THR A 517 13.79 -0.04 -9.08
CA THR A 517 13.02 0.51 -10.19
C THR A 517 13.98 1.09 -11.23
N GLY A 518 13.41 1.49 -12.37
CA GLY A 518 14.21 2.14 -13.39
C GLY A 518 14.81 3.46 -12.94
N GLU A 519 14.24 4.07 -11.91
CA GLU A 519 14.74 5.33 -11.37
C GLU A 519 15.75 5.14 -10.24
N GLY A 520 15.98 3.91 -9.79
CA GLY A 520 16.89 3.61 -8.71
C GLY A 520 16.20 2.81 -7.64
N VAL A 521 16.74 2.88 -6.42
CA VAL A 521 16.17 2.18 -5.28
C VAL A 521 14.97 2.97 -4.76
N ILE A 522 13.95 2.26 -4.28
CA ILE A 522 12.81 2.88 -3.63
C ILE A 522 12.60 2.16 -2.29
N LEU A 523 12.61 2.93 -1.21
CA LEU A 523 12.38 2.41 0.13
C LEU A 523 10.97 2.76 0.58
N PHE A 524 10.32 1.83 1.28
CA PHE A 524 8.98 2.09 1.77
C PHE A 524 8.76 1.33 3.08
N THR A 525 8.11 2.00 4.03
CA THR A 525 7.86 1.44 5.35
C THR A 525 6.55 2.00 5.88
N ALA A 526 6.01 1.31 6.90
CA ALA A 526 4.76 1.70 7.53
C ALA A 526 5.01 2.11 8.97
N THR A 527 4.33 3.18 9.40
CA THR A 527 4.44 3.68 10.76
C THR A 527 3.49 2.96 11.73
N ARG A 528 2.58 2.14 11.22
CA ARG A 528 1.58 1.45 12.04
C ARG A 528 0.73 2.43 12.84
N GLY A 529 -0.01 3.26 12.10
CA GLY A 529 -0.95 4.17 12.71
C GLY A 529 -0.37 5.55 12.99
N HIS A 530 -1.04 6.27 13.88
CA HIS A 530 -0.64 7.62 14.24
C HIS A 530 0.68 7.61 15.00
N VAL A 531 1.43 8.69 14.88
CA VAL A 531 2.70 8.84 15.58
C VAL A 531 2.55 9.75 16.81
N TYR A 532 1.78 10.82 16.69
CA TYR A 532 1.58 11.78 17.77
C TYR A 532 0.10 11.89 18.12
N ASP A 533 -0.16 12.31 19.36
CA ASP A 533 -1.51 12.53 19.83
C ASP A 533 -1.49 13.57 20.94
N LEU A 534 -2.64 14.17 21.20
CA LEU A 534 -2.73 15.21 22.22
C LEU A 534 -2.42 14.64 23.60
N VAL A 535 -1.61 15.38 24.35
CA VAL A 535 -1.29 14.99 25.72
C VAL A 535 -2.48 15.29 26.63
N THR A 536 -2.47 14.68 27.82
CA THR A 536 -3.60 14.80 28.73
C THR A 536 -3.42 15.92 29.74
N LYS A 537 -2.26 15.99 30.39
CA LYS A 537 -2.03 16.97 31.44
C LYS A 537 -1.38 18.24 30.89
N GLY A 538 -1.61 19.35 31.60
CA GLY A 538 -1.04 20.62 31.21
C GLY A 538 -2.00 21.47 30.38
N GLY A 539 -2.15 22.74 30.76
CA GLY A 539 -3.03 23.63 30.03
C GLY A 539 -4.49 23.21 30.10
N ILE A 540 -5.21 23.49 29.02
CA ILE A 540 -6.63 23.11 28.92
C ILE A 540 -6.67 21.73 28.27
N HIS A 541 -6.60 20.70 29.10
CA HIS A 541 -6.66 19.31 28.66
C HIS A 541 -5.62 19.01 27.57
N GLY A 542 -4.41 19.51 27.78
CA GLY A 542 -3.31 19.29 26.87
C GLY A 542 -3.04 20.41 25.90
N VAL A 543 -3.87 21.46 25.89
CA VAL A 543 -3.70 22.58 24.98
C VAL A 543 -3.26 23.79 25.80
N GLU A 544 -2.05 24.26 25.56
CA GLU A 544 -1.54 25.43 26.25
C GLU A 544 -2.05 26.70 25.55
N GLU A 545 -1.77 27.84 26.18
CA GLU A 545 -2.21 29.14 25.65
C GLU A 545 -1.06 30.13 25.84
N GLU A 546 -0.37 30.45 24.74
CA GLU A 546 0.75 31.38 24.76
C GLU A 546 0.43 32.56 23.85
N ASN A 547 0.63 33.77 24.37
CA ASN A 547 0.42 35.02 23.61
C ASN A 547 -0.99 35.10 23.05
N GLY A 548 -1.97 34.59 23.81
CA GLY A 548 -3.34 34.62 23.38
C GLY A 548 -3.70 33.61 22.32
N LYS A 549 -2.79 32.71 21.97
CA LYS A 549 -3.03 31.67 20.97
C LYS A 549 -2.85 30.30 21.61
N PHE A 550 -3.65 29.34 21.17
CA PHE A 550 -3.64 27.99 21.71
C PHE A 550 -2.61 27.14 20.97
N VAL A 551 -1.67 26.58 21.71
CA VAL A 551 -0.61 25.74 21.16
C VAL A 551 -0.86 24.30 21.60
N PRO A 552 -1.29 23.41 20.70
CA PRO A 552 -1.44 22.00 21.08
C PRO A 552 -0.10 21.37 21.42
N VAL A 553 -0.13 20.46 22.39
CA VAL A 553 1.06 19.75 22.84
C VAL A 553 0.87 18.27 22.52
N TYR A 554 1.81 17.72 21.75
CA TYR A 554 1.72 16.34 21.27
C TYR A 554 2.88 15.52 21.82
N ASN A 555 2.60 14.23 22.04
CA ASN A 555 3.62 13.27 22.44
C ASN A 555 3.41 12.01 21.61
N SER A 556 4.47 11.20 21.53
CA SER A 556 4.41 9.99 20.74
C SER A 556 3.37 9.02 21.31
N LEU A 557 2.65 8.34 20.42
CA LEU A 557 1.66 7.36 20.84
C LEU A 557 2.34 6.07 21.28
N LYS A 558 1.79 5.47 22.34
CA LYS A 558 2.23 4.17 22.83
C LYS A 558 1.05 3.22 22.80
N ARG A 559 1.27 2.03 22.24
CA ARG A 559 0.24 1.01 22.15
C ARG A 559 0.74 -0.25 22.83
N CYS A 560 -0.02 -0.74 23.80
CA CYS A 560 0.30 -2.01 24.43
C CYS A 560 -0.03 -3.15 23.47
N ARG A 561 0.94 -4.05 23.26
CA ARG A 561 0.72 -5.13 22.32
C ARG A 561 -0.09 -6.28 22.92
N ASP A 562 -0.29 -6.30 24.24
CA ASP A 562 -1.04 -7.36 24.88
C ASP A 562 -2.54 -7.05 24.91
N CYS A 563 -2.92 -5.92 25.49
CA CYS A 563 -4.32 -5.54 25.63
C CYS A 563 -4.77 -4.50 24.62
N GLY A 564 -3.84 -3.85 23.91
CA GLY A 564 -4.19 -2.89 22.89
C GLY A 564 -4.48 -1.49 23.37
N TYR A 565 -4.34 -1.22 24.67
CA TYR A 565 -4.61 0.12 25.18
C TYR A 565 -3.57 1.10 24.67
N GLN A 566 -4.03 2.31 24.31
CA GLN A 566 -3.17 3.34 23.76
C GLN A 566 -3.11 4.54 24.70
N PHE A 567 -1.95 5.18 24.73
CA PHE A 567 -1.71 6.30 25.64
C PHE A 567 -0.51 7.09 25.10
N THR A 568 -0.35 8.30 25.63
CA THR A 568 0.72 9.19 25.19
C THR A 568 1.80 9.43 26.24
N GLU A 569 1.54 9.13 27.51
CA GLU A 569 2.50 9.40 28.57
C GLU A 569 3.74 8.53 28.41
N ASP A 570 4.90 9.09 28.76
CA ASP A 570 6.16 8.36 28.71
C ASP A 570 6.21 7.40 29.88
N ARG A 571 5.82 6.15 29.64
CA ARG A 571 5.73 5.13 30.69
C ARG A 571 6.47 3.88 30.24
N ASP A 572 6.89 3.09 31.23
CA ASP A 572 7.53 1.81 30.97
C ASP A 572 6.53 0.65 30.91
N GLU A 573 5.38 0.79 31.55
CA GLU A 573 4.38 -0.27 31.59
C GLU A 573 3.02 0.27 31.19
N CYS A 574 2.17 -0.65 30.74
CA CYS A 574 0.82 -0.29 30.33
C CYS A 574 0.01 0.17 31.54
N PRO A 575 -0.74 1.28 31.42
CA PRO A 575 -1.56 1.73 32.55
C PRO A 575 -2.68 0.76 32.94
N VAL A 576 -3.06 -0.15 32.05
CA VAL A 576 -4.20 -1.04 32.30
C VAL A 576 -3.72 -2.38 32.84
N CYS A 577 -2.86 -3.08 32.08
CA CYS A 577 -2.43 -4.42 32.44
C CYS A 577 -0.99 -4.49 32.94
N SER A 578 -0.29 -3.35 33.02
CA SER A 578 1.07 -3.28 33.54
C SER A 578 2.05 -4.11 32.71
N SER A 579 1.80 -4.26 31.42
CA SER A 579 2.69 -5.00 30.53
C SER A 579 3.77 -4.07 29.98
N LYS A 580 4.98 -4.62 29.85
CA LYS A 580 6.10 -3.87 29.29
C LYS A 580 6.22 -4.00 27.79
N ASN A 581 5.42 -4.86 27.16
CA ASN A 581 5.45 -5.02 25.70
C ASN A 581 4.64 -3.89 25.08
N ILE A 582 5.31 -2.78 24.81
CA ILE A 582 4.67 -1.55 24.36
C ILE A 582 5.28 -1.13 23.03
N ASP A 583 4.43 -0.84 22.05
CA ASP A 583 4.86 -0.31 20.75
C ASP A 583 4.91 1.21 20.88
N ASP A 584 6.11 1.74 21.13
CA ASP A 584 6.30 3.17 21.35
C ASP A 584 6.65 3.84 20.02
N LYS A 585 5.84 4.81 19.62
CA LYS A 585 6.08 5.54 18.38
C LYS A 585 7.33 6.41 18.44
N THR A 586 7.91 6.62 19.64
CA THR A 586 9.17 7.33 19.72
C THR A 586 10.26 6.59 18.96
N GLU A 587 10.31 5.27 19.10
CA GLU A 587 11.26 4.47 18.32
C GLU A 587 10.93 4.50 16.84
N THR A 588 9.64 4.58 16.49
CA THR A 588 9.25 4.71 15.09
C THR A 588 9.77 6.02 14.51
N LEU A 589 9.63 7.11 15.25
CA LEU A 589 10.09 8.41 14.76
C LEU A 589 11.61 8.45 14.64
N ARG A 590 12.33 7.87 15.61
CA ARG A 590 13.79 7.85 15.54
C ARG A 590 14.25 7.05 14.33
N ALA A 591 13.60 5.92 14.05
CA ALA A 591 13.95 5.12 12.88
C ALA A 591 13.74 5.91 11.59
N LEU A 592 12.64 6.65 11.50
CA LEU A 592 12.41 7.46 10.31
C LEU A 592 13.49 8.52 10.14
N ARG A 593 13.94 9.12 11.25
CA ARG A 593 15.01 10.11 11.16
C ARG A 593 16.32 9.46 10.69
N GLU A 594 16.61 8.25 11.16
CA GLU A 594 17.81 7.55 10.71
C GLU A 594 17.75 7.24 9.22
N ILE A 595 16.60 6.79 8.74
CA ILE A 595 16.46 6.45 7.31
C ILE A 595 16.47 7.71 6.47
N SER A 596 15.96 8.83 6.98
CA SER A 596 15.92 10.07 6.22
C SER A 596 17.31 10.52 5.80
N LEU A 597 18.34 10.19 6.58
CA LEU A 597 19.69 10.57 6.22
C LEU A 597 20.20 9.77 5.03
N GLU A 598 19.69 8.55 4.84
CA GLU A 598 20.17 7.65 3.79
C GLU A 598 19.50 7.89 2.45
N ALA A 599 18.26 8.36 2.44
CA ALA A 599 17.51 8.53 1.20
C ALA A 599 17.76 9.91 0.59
N ASP A 600 17.73 9.96 -0.74
CA ASP A 600 17.87 11.23 -1.44
C ASP A 600 16.63 12.10 -1.27
N GLU A 601 15.45 11.51 -1.42
CA GLU A 601 14.19 12.23 -1.28
C GLU A 601 13.17 11.36 -0.55
N ILE A 602 12.28 12.01 0.19
CA ILE A 602 11.27 11.33 0.99
C ILE A 602 9.89 11.84 0.60
N LEU A 603 8.97 10.92 0.34
CA LEU A 603 7.58 11.24 0.05
C LEU A 603 6.69 10.59 1.11
N VAL A 604 5.83 11.39 1.73
CA VAL A 604 4.94 10.91 2.78
C VAL A 604 3.60 10.60 2.13
N ALA A 605 3.35 9.32 1.87
CA ALA A 605 2.15 8.88 1.18
C ALA A 605 1.10 8.35 2.15
N THR A 606 0.62 9.23 3.04
CA THR A 606 -0.49 8.88 3.90
C THR A 606 -1.81 9.05 3.16
N ASP A 607 -2.89 8.59 3.77
CA ASP A 607 -4.19 8.61 3.12
C ASP A 607 -4.61 10.04 2.82
N PRO A 608 -5.29 10.29 1.69
CA PRO A 608 -5.66 11.66 1.28
C PRO A 608 -6.91 12.19 1.96
N ASP A 609 -6.80 12.48 3.25
CA ASP A 609 -7.91 13.08 3.99
C ASP A 609 -7.33 13.97 5.08
N VAL A 610 -8.21 14.49 5.93
CA VAL A 610 -7.78 15.43 6.97
C VAL A 610 -6.87 14.74 7.98
N GLU A 611 -7.26 13.55 8.44
CA GLU A 611 -6.44 12.84 9.41
C GLU A 611 -5.10 12.44 8.82
N GLY A 612 -5.08 12.01 7.57
CA GLY A 612 -3.82 11.66 6.92
C GLY A 612 -2.89 12.85 6.78
N GLU A 613 -3.45 14.04 6.60
CA GLU A 613 -2.62 15.23 6.51
C GLU A 613 -1.95 15.55 7.84
N LYS A 614 -2.66 15.32 8.95
CA LYS A 614 -2.06 15.53 10.27
C LYS A 614 -0.88 14.59 10.49
N ILE A 615 -1.04 13.32 10.10
CA ILE A 615 0.06 12.36 10.22
C ILE A 615 1.23 12.79 9.36
N SER A 616 0.94 13.24 8.13
CA SER A 616 2.02 13.62 7.22
C SER A 616 2.83 14.79 7.77
N TRP A 617 2.15 15.79 8.33
CA TRP A 617 2.89 16.93 8.88
C TRP A 617 3.65 16.55 10.15
N ASP A 618 3.10 15.63 10.96
CA ASP A 618 3.83 15.17 12.13
C ASP A 618 5.15 14.52 11.73
N VAL A 619 5.13 13.68 10.70
CA VAL A 619 6.35 13.06 10.20
C VAL A 619 7.23 14.10 9.52
N THR A 620 6.62 14.99 8.73
CA THR A 620 7.40 15.95 7.96
C THR A 620 8.19 16.89 8.87
N GLN A 621 7.54 17.45 9.88
CA GLN A 621 8.23 18.38 10.76
C GLN A 621 9.30 17.66 11.58
N TYR A 622 9.11 16.38 11.88
CA TYR A 622 10.11 15.64 12.64
C TYR A 622 11.35 15.38 11.80
N LEU A 623 11.18 15.06 10.52
CA LEU A 623 12.30 14.75 9.64
C LEU A 623 12.95 15.99 9.03
N LEU A 624 12.29 17.14 9.08
CA LEU A 624 12.86 18.35 8.50
C LEU A 624 14.20 18.75 9.10
N PRO A 625 14.44 18.65 10.43
CA PRO A 625 15.78 18.95 10.94
C PRO A 625 16.85 18.00 10.42
N SER A 626 16.48 16.85 9.87
CA SER A 626 17.45 15.89 9.36
C SER A 626 17.56 15.89 7.85
N THR A 627 16.52 16.30 7.12
CA THR A 627 16.55 16.33 5.67
C THR A 627 15.65 17.45 5.16
N ARG A 628 15.92 17.90 3.95
CA ARG A 628 15.15 18.97 3.32
C ARG A 628 14.30 18.52 2.16
N SER A 629 14.61 17.36 1.57
CA SER A 629 13.85 16.85 0.42
C SER A 629 12.63 16.06 0.93
N LEU A 630 11.66 16.81 1.44
CA LEU A 630 10.42 16.25 1.96
C LEU A 630 9.24 16.83 1.18
N ARG A 631 8.41 15.94 0.64
CA ARG A 631 7.23 16.33 -0.12
C ARG A 631 6.09 15.39 0.21
N ARG A 632 4.88 15.81 -0.13
CA ARG A 632 3.66 15.09 0.19
C ARG A 632 2.99 14.62 -1.10
N ILE A 633 2.66 13.32 -1.16
CA ILE A 633 1.87 12.77 -2.24
C ILE A 633 0.66 12.06 -1.61
N GLU A 634 -0.41 11.95 -2.40
CA GLU A 634 -1.62 11.29 -1.94
C GLU A 634 -2.03 10.26 -2.98
N MET A 635 -2.16 9.00 -2.55
CA MET A 635 -2.55 7.91 -3.42
C MET A 635 -4.03 7.62 -3.22
N HIS A 636 -4.82 7.82 -4.28
CA HIS A 636 -6.24 7.54 -4.24
C HIS A 636 -6.56 6.09 -4.58
N GLU A 637 -5.58 5.32 -5.01
CA GLU A 637 -5.71 3.89 -5.18
C GLU A 637 -4.32 3.28 -5.06
N ILE A 638 -4.23 2.12 -4.41
CA ILE A 638 -2.94 1.49 -4.13
C ILE A 638 -2.63 0.57 -5.31
N THR A 639 -2.12 1.19 -6.38
CA THR A 639 -1.76 0.48 -7.60
C THR A 639 -0.55 1.17 -8.22
N ARG A 640 -0.04 0.57 -9.30
CA ARG A 640 1.01 1.24 -10.07
C ARG A 640 0.49 2.55 -10.65
N TYR A 641 -0.73 2.54 -11.19
CA TYR A 641 -1.33 3.76 -11.72
C TYR A 641 -1.53 4.80 -10.64
N GLY A 642 -2.02 4.39 -9.47
CA GLY A 642 -2.23 5.33 -8.38
C GLY A 642 -0.92 5.93 -7.88
N PHE A 643 0.13 5.11 -7.81
CA PHE A 643 1.43 5.63 -7.40
C PHE A 643 1.99 6.60 -8.44
N LYS A 644 1.80 6.30 -9.72
CA LYS A 644 2.26 7.22 -10.76
C LYS A 644 1.51 8.53 -10.71
N LYS A 645 0.18 8.48 -10.52
CA LYS A 645 -0.61 9.71 -10.46
C LYS A 645 -0.28 10.53 -9.23
N ALA A 646 -0.02 9.87 -8.10
CA ALA A 646 0.33 10.60 -6.88
C ALA A 646 1.63 11.38 -7.06
N ARG A 647 2.61 10.76 -7.71
CA ARG A 647 3.89 11.46 -7.93
C ARG A 647 3.74 12.57 -8.96
N GLU A 648 2.84 12.41 -9.93
CA GLU A 648 2.64 13.46 -10.93
C GLU A 648 2.12 14.74 -10.30
N SER A 649 1.39 14.64 -9.20
CA SER A 649 0.82 15.78 -8.50
C SER A 649 1.43 15.92 -7.12
N VAL A 650 2.75 15.75 -7.02
CA VAL A 650 3.44 15.88 -5.74
C VAL A 650 3.32 17.32 -5.25
N ARG A 651 3.09 17.48 -3.95
CA ARG A 651 2.87 18.79 -3.34
C ARG A 651 3.53 18.84 -1.98
N PHE A 652 3.32 19.94 -1.28
CA PHE A 652 3.73 20.09 0.11
C PHE A 652 2.54 19.93 1.03
N VAL A 653 2.81 19.93 2.34
CA VAL A 653 1.76 19.74 3.32
C VAL A 653 0.81 20.94 3.29
N ASP A 654 -0.49 20.65 3.24
CA ASP A 654 -1.52 21.69 3.27
C ASP A 654 -1.88 21.96 4.72
N PHE A 655 -1.47 23.13 5.23
CA PHE A 655 -1.71 23.46 6.63
C PHE A 655 -3.18 23.72 6.93
N ASN A 656 -3.99 24.02 5.91
CA ASN A 656 -5.42 24.17 6.14
C ASN A 656 -6.04 22.86 6.60
N LEU A 657 -5.63 21.73 5.99
CA LEU A 657 -6.14 20.43 6.42
C LEU A 657 -5.63 20.08 7.81
N VAL A 658 -4.37 20.39 8.10
CA VAL A 658 -3.81 20.10 9.43
C VAL A 658 -4.56 20.88 10.50
N LYS A 659 -4.83 22.16 10.24
CA LYS A 659 -5.60 22.97 11.20
C LYS A 659 -7.01 22.43 11.37
N ALA A 660 -7.60 21.87 10.32
CA ALA A 660 -8.93 21.28 10.43
C ALA A 660 -8.91 20.07 11.36
N GLN A 661 -7.85 19.26 11.30
CA GLN A 661 -7.75 18.11 12.20
C GLN A 661 -7.59 18.57 13.64
N ILE A 662 -6.82 19.63 13.86
CA ILE A 662 -6.56 20.09 15.23
C ILE A 662 -7.84 20.60 15.87
N VAL A 663 -8.60 21.44 15.16
CA VAL A 663 -9.82 21.99 15.74
C VAL A 663 -10.84 20.89 15.97
N ARG A 664 -10.89 19.88 15.09
CA ARG A 664 -11.80 18.76 15.30
C ARG A 664 -11.34 17.90 16.48
N ARG A 665 -10.03 17.72 16.65
CA ARG A 665 -9.52 16.96 17.78
C ARG A 665 -9.73 17.71 19.09
N VAL A 666 -9.43 19.02 19.09
CA VAL A 666 -9.59 19.81 20.30
C VAL A 666 -11.04 19.88 20.73
N GLN A 667 -11.95 19.99 19.76
CA GLN A 667 -13.38 20.02 20.09
C GLN A 667 -13.80 18.73 20.78
N ASP A 668 -13.37 17.58 20.25
CA ASP A 668 -13.67 16.31 20.90
C ASP A 668 -13.01 16.22 22.28
N ARG A 669 -11.77 16.68 22.39
CA ARG A 669 -11.07 16.61 23.67
C ARG A 669 -11.76 17.48 24.72
N TRP A 670 -12.07 18.72 24.36
CA TRP A 670 -12.65 19.65 25.33
C TRP A 670 -14.07 19.25 25.70
N ILE A 671 -14.91 18.95 24.70
CA ILE A 671 -16.27 18.52 24.99
C ILE A 671 -16.27 17.15 25.66
N GLY A 672 -15.46 16.22 25.15
CA GLY A 672 -15.48 14.87 25.66
C GLY A 672 -15.02 14.77 27.10
N PHE A 673 -13.89 15.41 27.43
CA PHE A 673 -13.34 15.29 28.77
C PHE A 673 -14.25 15.93 29.80
N GLU A 674 -14.82 17.09 29.49
CA GLU A 674 -15.70 17.76 30.46
C GLU A 674 -16.97 16.95 30.69
N LEU A 675 -17.58 16.47 29.61
CA LEU A 675 -18.79 15.64 29.75
C LEU A 675 -18.46 14.30 30.41
N SER A 676 -17.34 13.68 30.03
CA SER A 676 -16.96 12.41 30.64
C SER A 676 -16.67 12.58 32.13
N GLY A 677 -16.06 13.70 32.51
CA GLY A 677 -15.80 13.94 33.92
C GLY A 677 -17.08 14.00 34.74
N LYS A 678 -18.09 14.70 34.24
CA LYS A 678 -19.38 14.73 34.93
C LYS A 678 -20.05 13.37 34.94
N LEU A 679 -20.03 12.67 33.80
CA LEU A 679 -20.64 11.36 33.72
C LEU A 679 -19.90 10.33 34.56
N GLN A 680 -18.58 10.48 34.71
CA GLN A 680 -17.82 9.57 35.56
C GLN A 680 -18.26 9.68 37.01
N LYS A 681 -18.51 10.90 37.48
CA LYS A 681 -18.99 11.08 38.85
C LYS A 681 -20.38 10.50 39.05
N ARG A 682 -21.20 10.47 37.99
CA ARG A 682 -22.57 10.00 38.11
C ARG A 682 -22.68 8.48 37.96
N PHE A 683 -22.08 7.93 36.91
CA PHE A 683 -22.28 6.53 36.56
C PHE A 683 -21.05 5.66 36.80
N GLY A 684 -19.93 6.23 37.23
CA GLY A 684 -18.78 5.42 37.58
C GLY A 684 -18.06 4.79 36.42
N ARG A 685 -18.19 5.35 35.22
CA ARG A 685 -17.45 4.88 34.05
C ARG A 685 -16.71 6.05 33.42
N SER A 686 -15.60 5.73 32.77
CA SER A 686 -14.77 6.74 32.13
C SER A 686 -15.03 6.78 30.64
N ASN A 687 -14.72 7.93 30.03
CA ASN A 687 -14.83 8.14 28.59
C ASN A 687 -16.26 7.87 28.10
N LEU A 688 -17.25 8.27 28.90
CA LEU A 688 -18.64 8.08 28.51
C LEU A 688 -19.09 9.04 27.42
N SER A 689 -18.28 10.04 27.09
CA SER A 689 -18.59 10.99 26.01
C SER A 689 -17.36 11.14 25.14
N ALA A 690 -17.42 10.60 23.92
CA ALA A 690 -16.32 10.73 22.99
C ALA A 690 -16.32 12.07 22.25
N GLY A 691 -17.42 12.80 22.29
CA GLY A 691 -17.50 14.07 21.60
C GLY A 691 -18.93 14.57 21.58
N ARG A 692 -19.14 15.64 20.80
CA ARG A 692 -20.46 16.24 20.70
C ARG A 692 -21.37 15.46 19.77
N VAL A 693 -20.83 14.93 18.67
CA VAL A 693 -21.66 14.25 17.68
C VAL A 693 -22.30 13.00 18.27
N GLN A 694 -21.56 12.28 19.12
CA GLN A 694 -22.07 11.03 19.68
C GLN A 694 -23.34 11.28 20.49
N SER A 695 -23.37 12.34 21.30
CA SER A 695 -24.55 12.63 22.10
C SER A 695 -25.73 13.02 21.24
N THR A 696 -25.50 13.73 20.14
CA THR A 696 -26.59 14.13 19.25
C THR A 696 -27.23 12.91 18.60
N VAL A 697 -26.41 11.97 18.11
CA VAL A 697 -26.96 10.77 17.49
C VAL A 697 -27.68 9.91 18.52
N LEU A 698 -27.10 9.76 19.71
CA LEU A 698 -27.77 9.04 20.77
C LEU A 698 -29.12 9.67 21.11
N GLY A 699 -29.21 10.99 21.02
CA GLY A 699 -30.49 11.64 21.22
C GLY A 699 -31.53 11.20 20.22
N TRP A 700 -31.13 11.07 18.94
CA TRP A 700 -32.08 10.63 17.91
C TRP A 700 -32.64 9.26 18.22
N ILE A 701 -31.79 8.33 18.66
CA ILE A 701 -32.24 6.97 18.94
C ILE A 701 -33.18 6.96 20.15
N VAL A 702 -32.89 7.79 21.15
CA VAL A 702 -33.76 7.88 22.32
C VAL A 702 -35.12 8.47 21.94
N GLU A 703 -35.10 9.56 21.17
CA GLU A 703 -36.35 10.19 20.76
C GLU A 703 -37.18 9.27 19.87
N ARG A 704 -36.52 8.36 19.14
CA ARG A 704 -37.23 7.51 18.20
C ARG A 704 -38.18 6.56 18.90
N GLU A 705 -37.92 6.21 20.17
CA GLU A 705 -38.81 5.32 20.88
C GLU A 705 -40.20 5.92 21.04
N GLU A 706 -40.27 7.19 21.43
CA GLU A 706 -41.57 7.84 21.56
C GLU A 706 -42.25 7.99 20.21
N GLU A 707 -41.49 8.33 19.17
CA GLU A 707 -42.07 8.52 17.84
C GLU A 707 -42.50 7.19 17.23
N TYR A 708 -41.72 6.13 17.46
CA TYR A 708 -42.10 4.81 16.97
C TYR A 708 -43.38 4.31 17.61
N LYS A 709 -43.54 4.55 18.92
CA LYS A 709 -44.73 4.08 19.62
C LYS A 709 -45.97 4.87 19.23
N LYS A 710 -45.86 6.21 19.17
CA LYS A 710 -47.01 7.05 18.89
C LYS A 710 -47.53 6.85 17.48
N SER A 711 -46.66 6.50 16.53
CA SER A 711 -47.03 6.34 15.13
C SER A 711 -47.67 4.99 14.82
N GLU A 712 -48.08 4.25 15.84
CA GLU A 712 -48.73 2.96 15.64
C GLU A 712 -50.11 3.18 15.01
N LYS A 713 -50.28 2.69 13.79
CA LYS A 713 -51.53 2.86 13.05
C LYS A 713 -51.99 1.52 12.50
N ASP A 714 -53.30 1.43 12.25
CA ASP A 714 -53.89 0.22 11.71
C ASP A 714 -53.63 0.12 10.21
N PHE A 715 -53.36 -1.10 9.75
CA PHE A 715 -53.11 -1.35 8.34
C PHE A 715 -53.72 -2.68 7.95
N THR A 716 -54.00 -2.82 6.65
CA THR A 716 -54.53 -4.05 6.09
C THR A 716 -53.81 -4.36 4.80
N LEU A 717 -53.42 -5.61 4.62
CA LEU A 717 -52.76 -6.06 3.41
C LEU A 717 -53.79 -6.69 2.48
N LEU A 718 -53.93 -6.14 1.28
CA LEU A 718 -54.93 -6.59 0.32
C LEU A 718 -54.24 -7.30 -0.82
N VAL A 719 -54.52 -8.58 -0.99
CA VAL A 719 -54.09 -9.34 -2.16
C VAL A 719 -55.25 -9.39 -3.13
N LEU A 720 -54.97 -9.19 -4.41
CA LEU A 720 -55.99 -9.08 -5.43
C LEU A 720 -55.94 -10.28 -6.36
N GLU A 721 -57.05 -10.50 -7.07
CA GLU A 721 -57.21 -11.71 -7.88
C GLU A 721 -56.08 -11.85 -8.89
N ASN A 722 -55.86 -10.81 -9.70
CA ASN A 722 -54.75 -10.77 -10.64
C ASN A 722 -54.09 -9.39 -10.46
N GLY A 723 -53.17 -9.30 -9.50
CA GLY A 723 -52.57 -8.03 -9.21
C GLY A 723 -51.56 -8.13 -8.10
N VAL A 724 -51.23 -6.98 -7.52
CA VAL A 724 -50.17 -6.87 -6.54
C VAL A 724 -50.78 -6.82 -5.14
N ASN A 725 -49.93 -7.00 -4.13
CA ASN A 725 -50.32 -6.78 -2.75
C ASN A 725 -50.29 -5.28 -2.46
N LEU A 726 -51.35 -4.78 -1.83
CA LEU A 726 -51.51 -3.35 -1.57
C LEU A 726 -51.58 -3.10 -0.08
N GLU A 727 -50.81 -2.11 0.38
CA GLU A 727 -50.89 -1.62 1.75
C GLU A 727 -51.81 -0.41 1.78
N VAL A 728 -52.85 -0.47 2.59
CA VAL A 728 -53.83 0.60 2.72
C VAL A 728 -54.15 0.80 4.19
N GLU A 729 -54.23 2.06 4.61
CA GLU A 729 -54.45 2.37 6.02
C GLU A 729 -55.81 1.90 6.50
N GLY A 730 -55.87 1.53 7.78
CA GLY A 730 -57.11 1.17 8.41
C GLY A 730 -57.57 -0.23 8.10
N LYS A 731 -58.72 -0.58 8.68
CA LYS A 731 -59.37 -1.86 8.42
C LYS A 731 -60.26 -1.74 7.20
N ILE A 732 -60.10 -2.67 6.26
CA ILE A 732 -60.83 -2.64 4.99
C ILE A 732 -61.97 -3.65 5.09
N ALA A 733 -63.20 -3.17 4.87
CA ALA A 733 -64.38 -4.02 4.94
C ALA A 733 -64.93 -4.42 3.58
N ASP A 734 -64.75 -3.57 2.57
CA ASP A 734 -65.17 -3.93 1.22
C ASP A 734 -64.33 -5.09 0.70
N ASP A 735 -64.97 -6.00 -0.01
CA ASP A 735 -64.31 -7.17 -0.57
C ASP A 735 -63.89 -6.96 -2.02
N VAL A 736 -64.03 -5.75 -2.54
CA VAL A 736 -63.58 -5.41 -3.89
C VAL A 736 -62.80 -4.12 -3.84
N VAL A 737 -61.89 -3.97 -4.79
CA VAL A 737 -61.15 -2.73 -5.02
C VAL A 737 -61.41 -2.29 -6.44
N THR A 738 -61.84 -1.04 -6.62
CA THR A 738 -62.25 -0.52 -7.91
C THR A 738 -61.22 0.48 -8.42
N VAL A 739 -60.83 0.32 -9.68
CA VAL A 739 -59.92 1.25 -10.33
C VAL A 739 -60.76 2.33 -11.00
N VAL A 740 -60.54 3.58 -10.61
CA VAL A 740 -61.30 4.69 -11.18
C VAL A 740 -60.51 5.45 -12.24
N GLU A 741 -59.19 5.37 -12.24
CA GLU A 741 -58.39 6.04 -13.24
C GLU A 741 -57.12 5.23 -13.48
N LEU A 742 -56.82 4.97 -14.75
CA LEU A 742 -55.63 4.23 -15.13
C LEU A 742 -54.85 5.06 -16.15
N GLN A 743 -53.63 5.43 -15.80
CA GLN A 743 -52.76 6.26 -16.63
C GLN A 743 -51.47 5.50 -16.89
N GLU A 744 -51.22 5.14 -18.14
CA GLU A 744 -50.04 4.40 -18.53
C GLU A 744 -49.23 5.20 -19.54
N ALA A 745 -47.91 5.22 -19.34
CA ALA A 745 -47.02 6.01 -20.18
C ALA A 745 -45.63 5.39 -20.16
N GLU A 746 -44.77 5.89 -21.05
CA GLU A 746 -43.40 5.43 -21.16
C GLU A 746 -42.45 6.47 -20.54
N GLU A 747 -41.39 5.98 -19.89
CA GLU A 747 -40.43 6.85 -19.22
C GLU A 747 -39.04 6.25 -19.34
N GLU A 748 -38.04 7.11 -19.17
CA GLU A 748 -36.64 6.73 -19.13
C GLU A 748 -36.13 6.88 -17.70
N LYS A 749 -35.61 5.80 -17.13
CA LYS A 749 -35.15 5.77 -15.76
C LYS A 749 -33.64 5.91 -15.72
N ASN A 750 -33.15 6.98 -15.09
CA ASN A 750 -31.73 7.17 -14.92
C ASN A 750 -31.21 6.34 -13.74
N PRO A 751 -29.96 5.90 -13.78
CA PRO A 751 -29.41 5.14 -12.67
C PRO A 751 -29.03 6.05 -11.50
N LEU A 752 -28.87 5.42 -10.34
CA LEU A 752 -28.42 6.14 -9.15
C LEU A 752 -26.94 6.50 -9.28
N PRO A 753 -26.50 7.56 -8.60
CA PRO A 753 -25.10 7.96 -8.67
C PRO A 753 -24.21 6.93 -8.01
N PRO A 754 -22.90 6.96 -8.30
CA PRO A 754 -21.98 6.00 -7.66
C PRO A 754 -21.94 6.18 -6.16
N TYR A 755 -21.34 5.21 -5.49
CA TYR A 755 -21.28 5.18 -4.04
C TYR A 755 -20.45 6.33 -3.49
N THR A 756 -20.96 6.96 -2.44
CA THR A 756 -20.15 7.76 -1.53
C THR A 756 -19.95 6.95 -0.26
N THR A 757 -19.20 7.52 0.70
CA THR A 757 -19.00 6.82 1.97
C THR A 757 -20.33 6.58 2.68
N SER A 758 -21.17 7.62 2.77
CA SER A 758 -22.44 7.48 3.46
C SER A 758 -23.39 6.53 2.72
N SER A 759 -23.49 6.66 1.40
CA SER A 759 -24.42 5.83 0.65
C SER A 759 -23.94 4.38 0.59
N ALA A 760 -22.63 4.17 0.45
CA ALA A 760 -22.12 2.79 0.46
C ALA A 760 -22.36 2.12 1.80
N LEU A 761 -22.14 2.85 2.90
CA LEU A 761 -22.37 2.28 4.21
C LEU A 761 -23.83 1.88 4.39
N SER A 762 -24.75 2.74 3.98
CA SER A 762 -26.18 2.46 4.20
C SER A 762 -26.65 1.28 3.36
N GLU A 763 -26.37 1.28 2.06
CA GLU A 763 -26.90 0.25 1.19
C GLU A 763 -26.25 -1.10 1.45
N ILE A 764 -24.93 -1.12 1.62
CA ILE A 764 -24.23 -2.39 1.85
C ILE A 764 -24.62 -2.98 3.19
N SER A 765 -24.75 -2.15 4.23
CA SER A 765 -25.15 -2.64 5.53
C SER A 765 -26.56 -3.23 5.50
N GLN A 766 -27.48 -2.56 4.81
CA GLN A 766 -28.86 -3.05 4.76
C GLN A 766 -28.96 -4.35 3.97
N LYS A 767 -28.29 -4.43 2.81
CA LYS A 767 -28.42 -5.60 1.96
C LYS A 767 -27.64 -6.79 2.49
N LEU A 768 -26.46 -6.56 3.07
CA LEU A 768 -25.62 -7.65 3.54
C LEU A 768 -25.82 -7.97 5.02
N ARG A 769 -26.73 -7.27 5.70
CA ARG A 769 -27.02 -7.53 7.11
C ARG A 769 -25.77 -7.41 7.97
N LEU A 770 -24.96 -6.39 7.71
CA LEU A 770 -23.72 -6.15 8.42
C LEU A 770 -23.74 -4.76 9.05
N GLY A 771 -23.04 -4.61 10.17
CA GLY A 771 -22.89 -3.31 10.78
C GLY A 771 -22.08 -2.37 9.92
N VAL A 772 -22.31 -1.07 10.13
CA VAL A 772 -21.62 -0.07 9.32
C VAL A 772 -20.12 -0.10 9.59
N GLN A 773 -19.72 -0.36 10.84
CA GLN A 773 -18.29 -0.45 11.14
C GLN A 773 -17.64 -1.63 10.44
N GLU A 774 -18.32 -2.78 10.41
CA GLU A 774 -17.78 -3.93 9.70
C GLU A 774 -17.68 -3.65 8.20
N VAL A 775 -18.70 -3.00 7.63
CA VAL A 775 -18.64 -2.62 6.22
C VAL A 775 -17.49 -1.66 5.98
N MET A 776 -17.32 -0.67 6.87
CA MET A 776 -16.24 0.31 6.70
C MET A 776 -14.88 -0.36 6.71
N ASP A 777 -14.67 -1.32 7.62
CA ASP A 777 -13.40 -2.03 7.67
C ASP A 777 -13.16 -2.83 6.39
N ILE A 778 -14.22 -3.40 5.83
CA ILE A 778 -14.10 -4.09 4.55
C ILE A 778 -13.75 -3.10 3.44
N LEU A 779 -14.38 -1.93 3.46
CA LEU A 779 -14.07 -0.90 2.47
C LEU A 779 -12.60 -0.49 2.56
N GLN A 780 -12.09 -0.31 3.79
CA GLN A 780 -10.69 0.04 3.97
C GLN A 780 -9.79 -1.08 3.45
N ASP A 781 -10.15 -2.33 3.71
CA ASP A 781 -9.35 -3.46 3.23
C ASP A 781 -9.29 -3.48 1.71
N LEU A 782 -10.42 -3.25 1.04
CA LEU A 782 -10.42 -3.26 -0.42
C LEU A 782 -9.59 -2.13 -0.99
N PHE A 783 -9.65 -0.94 -0.39
CA PHE A 783 -8.85 0.17 -0.88
C PHE A 783 -7.36 -0.08 -0.68
N GLU A 784 -6.96 -0.47 0.54
CA GLU A 784 -5.55 -0.67 0.84
C GLU A 784 -4.95 -1.85 0.09
N LYS A 785 -5.77 -2.72 -0.50
CA LYS A 785 -5.29 -3.82 -1.30
C LYS A 785 -5.45 -3.58 -2.80
N GLY A 786 -5.78 -2.35 -3.19
CA GLY A 786 -5.76 -1.97 -4.59
C GLY A 786 -6.92 -2.46 -5.42
N PHE A 787 -8.11 -2.61 -4.84
CA PHE A 787 -9.28 -3.07 -5.58
C PHE A 787 -10.30 -1.98 -5.83
N ILE A 788 -10.41 -0.99 -4.95
CA ILE A 788 -11.33 0.13 -5.14
C ILE A 788 -10.58 1.44 -4.86
N THR A 789 -11.18 2.54 -5.28
CA THR A 789 -10.65 3.86 -4.98
C THR A 789 -10.81 4.16 -3.49
N TYR A 790 -10.33 5.34 -3.08
CA TYR A 790 -10.37 5.72 -1.67
C TYR A 790 -11.81 5.73 -1.16
N HIS A 791 -12.03 5.08 -0.03
CA HIS A 791 -13.38 4.83 0.49
C HIS A 791 -13.91 5.95 1.37
N ARG A 792 -13.09 6.94 1.71
CA ARG A 792 -13.54 8.10 2.48
C ARG A 792 -13.73 9.26 1.50
N THR A 793 -14.94 9.36 0.96
CA THR A 793 -15.25 10.39 -0.02
C THR A 793 -16.69 10.85 0.16
N ASP A 794 -16.93 12.11 -0.15
CA ASP A 794 -18.26 12.70 -0.15
C ASP A 794 -18.71 13.09 -1.55
N SER A 795 -18.02 12.62 -2.58
CA SER A 795 -18.26 13.03 -3.95
C SER A 795 -18.62 11.82 -4.81
N THR A 796 -19.46 12.07 -5.82
CA THR A 796 -19.81 11.07 -6.81
C THR A 796 -19.02 11.21 -8.09
N ARG A 797 -17.99 12.06 -8.10
CA ARG A 797 -17.25 12.34 -9.32
C ARG A 797 -16.56 11.10 -9.84
N ILE A 798 -16.67 10.87 -11.15
CA ILE A 798 -15.97 9.78 -11.83
C ILE A 798 -15.08 10.39 -12.91
N SER A 799 -13.78 10.12 -12.82
CA SER A 799 -12.85 10.65 -13.79
C SER A 799 -12.96 9.89 -15.12
N LEU A 800 -12.30 10.43 -16.14
CA LEU A 800 -12.29 9.76 -17.43
C LEU A 800 -11.67 8.37 -17.33
N GLU A 801 -10.63 8.24 -16.50
CA GLU A 801 -10.05 6.92 -16.26
C GLU A 801 -11.07 5.96 -15.65
N GLY A 802 -11.86 6.44 -14.70
CA GLY A 802 -12.90 5.59 -14.12
C GLY A 802 -13.95 5.19 -15.13
N GLN A 803 -14.39 6.12 -15.96
CA GLN A 803 -15.35 5.80 -17.02
C GLN A 803 -14.76 4.80 -18.01
N ASN A 804 -13.46 4.92 -18.29
CA ASN A 804 -12.78 3.96 -19.15
C ASN A 804 -12.80 2.56 -18.56
N VAL A 805 -12.73 2.46 -17.22
CA VAL A 805 -12.78 1.15 -16.57
C VAL A 805 -14.12 0.47 -16.85
N ALA A 806 -15.22 1.22 -16.75
CA ALA A 806 -16.52 0.66 -17.08
C ALA A 806 -16.61 0.26 -18.55
N ARG A 807 -16.07 1.09 -19.43
CA ARG A 807 -16.12 0.78 -20.86
C ARG A 807 -15.33 -0.47 -21.19
N THR A 808 -14.16 -0.64 -20.54
CA THR A 808 -13.36 -1.83 -20.80
C THR A 808 -14.08 -3.10 -20.38
N TYR A 809 -14.76 -3.06 -19.22
CA TYR A 809 -15.51 -4.22 -18.77
C TYR A 809 -16.69 -4.51 -19.68
N LEU A 810 -17.42 -3.47 -20.09
CA LEU A 810 -18.58 -3.68 -20.96
C LEU A 810 -18.17 -4.23 -22.32
N ARG A 811 -17.02 -3.78 -22.84
CA ARG A 811 -16.51 -4.37 -24.07
C ARG A 811 -16.13 -5.83 -23.87
N LYS A 812 -15.59 -6.17 -22.70
CA LYS A 812 -15.18 -7.54 -22.43
C LYS A 812 -16.38 -8.48 -22.44
N ILE A 813 -17.49 -8.08 -21.82
CA ILE A 813 -18.67 -8.94 -21.75
C ILE A 813 -19.58 -8.78 -22.96
N GLY A 814 -19.21 -7.95 -23.92
CA GLY A 814 -20.00 -7.80 -25.13
C GLY A 814 -21.26 -6.97 -24.99
N LYS A 815 -21.36 -6.18 -23.92
CA LYS A 815 -22.53 -5.33 -23.68
C LYS A 815 -22.15 -3.86 -23.69
N GLU A 816 -21.29 -3.46 -24.63
CA GLU A 816 -20.88 -2.07 -24.71
C GLU A 816 -21.92 -1.18 -25.39
N ASP A 817 -22.99 -1.76 -25.91
CA ASP A 817 -24.08 -0.97 -26.48
C ASP A 817 -24.86 -0.19 -25.43
N ILE A 818 -24.67 -0.49 -24.14
CA ILE A 818 -25.35 0.21 -23.06
C ILE A 818 -24.41 1.13 -22.29
N PHE A 819 -23.18 1.30 -22.77
CA PHE A 819 -22.22 2.14 -22.06
C PHE A 819 -22.63 3.60 -22.13
N MET A 820 -22.60 4.28 -20.98
CA MET A 820 -22.95 5.69 -20.88
C MET A 820 -22.01 6.32 -19.85
N GLY A 821 -20.89 6.85 -20.34
CA GLY A 821 -19.94 7.51 -19.46
C GLY A 821 -20.52 8.74 -18.82
N ARG A 822 -20.52 8.79 -17.49
CA ARG A 822 -21.03 9.92 -16.74
C ARG A 822 -19.99 10.39 -15.74
N SER A 823 -19.71 11.69 -15.75
CA SER A 823 -18.82 12.29 -14.77
C SER A 823 -19.49 12.47 -13.41
N TRP A 824 -20.82 12.59 -13.38
CA TRP A 824 -21.60 12.87 -12.17
C TRP A 824 -21.13 14.21 -11.61
N SER A 825 -20.70 14.29 -10.36
CA SER A 825 -20.29 15.56 -9.79
C SER A 825 -19.01 16.07 -10.44
N THR A 826 -18.86 17.39 -10.46
CA THR A 826 -17.63 18.03 -10.91
C THR A 826 -16.76 18.50 -9.75
N GLU A 827 -17.32 18.69 -8.56
CA GLU A 827 -16.57 19.08 -7.39
C GLU A 827 -16.17 17.86 -6.57
N GLY A 828 -15.22 18.07 -5.68
CA GLY A 828 -14.77 17.01 -4.79
C GLY A 828 -13.30 16.71 -4.89
N ALA A 829 -12.64 16.51 -3.75
CA ALA A 829 -11.23 16.16 -3.73
C ALA A 829 -10.99 14.67 -3.98
N HIS A 830 -12.05 13.87 -4.02
CA HIS A 830 -11.92 12.44 -4.25
C HIS A 830 -12.97 11.98 -5.25
N GLU A 831 -12.67 10.89 -5.93
CA GLU A 831 -13.66 10.21 -6.75
C GLU A 831 -14.66 9.48 -5.86
N ALA A 832 -15.70 8.94 -6.49
CA ALA A 832 -16.60 8.06 -5.77
C ALA A 832 -15.93 6.71 -5.52
N ILE A 833 -16.56 5.90 -4.67
CA ILE A 833 -16.04 4.55 -4.39
C ILE A 833 -16.37 3.68 -5.60
N ARG A 834 -15.34 3.29 -6.35
CA ARG A 834 -15.50 2.51 -7.57
C ARG A 834 -14.36 1.52 -7.69
N PRO A 835 -14.56 0.42 -8.42
CA PRO A 835 -13.44 -0.49 -8.70
C PRO A 835 -12.40 0.18 -9.58
N VAL A 836 -11.14 -0.23 -9.40
CA VAL A 836 -10.04 0.32 -10.17
C VAL A 836 -9.67 -0.52 -11.38
N LYS A 837 -10.20 -1.74 -11.49
CA LYS A 837 -9.93 -2.61 -12.63
C LYS A 837 -11.24 -3.16 -13.15
N PRO A 838 -11.30 -3.45 -14.46
CA PRO A 838 -12.53 -4.01 -15.05
C PRO A 838 -12.72 -5.49 -14.73
N ILE A 839 -12.81 -5.80 -13.44
CA ILE A 839 -12.91 -7.17 -12.96
C ILE A 839 -14.09 -7.24 -12.00
N ASP A 840 -15.10 -8.03 -12.35
CA ASP A 840 -16.28 -8.15 -11.50
C ASP A 840 -16.02 -9.11 -10.35
N ALA A 841 -16.99 -9.23 -9.45
CA ALA A 841 -16.82 -10.06 -8.27
C ALA A 841 -16.66 -11.53 -8.63
N ARG A 842 -17.44 -12.01 -9.61
CA ARG A 842 -17.35 -13.41 -10.00
C ARG A 842 -15.98 -13.74 -10.55
N GLU A 843 -15.40 -12.84 -11.35
CA GLU A 843 -14.04 -13.04 -11.82
C GLU A 843 -13.05 -13.04 -10.66
N LEU A 844 -13.23 -12.13 -9.70
CA LEU A 844 -12.34 -12.08 -8.54
C LEU A 844 -12.42 -13.37 -7.74
N GLU A 845 -13.63 -13.89 -7.53
CA GLU A 845 -13.78 -15.13 -6.77
C GLU A 845 -13.10 -16.29 -7.47
N GLU A 846 -13.17 -16.34 -8.80
CA GLU A 846 -12.47 -17.38 -9.53
C GLU A 846 -10.97 -17.27 -9.32
N MET A 847 -10.42 -16.05 -9.33
CA MET A 847 -9.00 -15.87 -9.10
C MET A 847 -8.62 -16.31 -7.68
N ILE A 848 -9.48 -16.03 -6.71
CA ILE A 848 -9.23 -16.48 -5.33
C ILE A 848 -9.23 -18.00 -5.26
N GLU A 849 -10.21 -18.63 -5.90
CA GLU A 849 -10.29 -20.09 -5.88
C GLU A 849 -9.07 -20.74 -6.54
N GLU A 850 -8.52 -20.09 -7.57
CA GLU A 850 -7.39 -20.63 -8.30
C GLU A 850 -6.05 -20.23 -7.72
N GLY A 851 -6.04 -19.43 -6.65
CA GLY A 851 -4.84 -19.14 -5.91
C GLY A 851 -4.03 -17.94 -6.38
N LEU A 852 -4.53 -17.17 -7.35
CA LEU A 852 -3.80 -15.99 -7.80
C LEU A 852 -3.69 -14.95 -6.68
N ILE A 853 -4.79 -14.74 -5.94
CA ILE A 853 -4.80 -13.88 -4.77
C ILE A 853 -5.58 -14.60 -3.67
N ALA A 854 -5.25 -14.30 -2.41
CA ALA A 854 -5.88 -14.98 -1.30
C ALA A 854 -6.18 -14.06 -0.12
N ASP A 855 -6.31 -12.76 -0.35
CA ASP A 855 -6.49 -11.79 0.73
C ASP A 855 -7.92 -11.27 0.84
N LEU A 856 -8.89 -11.97 0.25
CA LEU A 856 -10.27 -11.56 0.26
C LEU A 856 -11.17 -12.70 0.72
N THR A 857 -12.11 -12.40 1.61
CA THR A 857 -13.10 -13.36 2.08
C THR A 857 -14.42 -13.15 1.33
N LYS A 858 -15.42 -13.95 1.69
CA LYS A 858 -16.72 -13.85 1.02
C LYS A 858 -17.37 -12.50 1.28
N LYS A 859 -17.26 -11.99 2.51
CA LYS A 859 -17.80 -10.67 2.82
C LYS A 859 -17.10 -9.59 1.99
N HIS A 860 -15.80 -9.72 1.78
CA HIS A 860 -15.10 -8.78 0.91
C HIS A 860 -15.63 -8.83 -0.51
N LEU A 861 -15.91 -10.03 -1.01
CA LEU A 861 -16.42 -10.17 -2.38
C LEU A 861 -17.83 -9.61 -2.50
N ARG A 862 -18.67 -9.85 -1.48
CA ARG A 862 -20.04 -9.33 -1.54
C ARG A 862 -20.06 -7.81 -1.48
N VAL A 863 -19.19 -7.21 -0.67
CA VAL A 863 -19.07 -5.76 -0.65
C VAL A 863 -18.54 -5.25 -1.98
N TYR A 864 -17.53 -5.93 -2.54
CA TYR A 864 -16.98 -5.52 -3.82
C TYR A 864 -18.02 -5.65 -4.93
N GLU A 865 -18.85 -6.70 -4.88
CA GLU A 865 -19.89 -6.87 -5.88
C GLU A 865 -20.86 -5.70 -5.87
N LEU A 866 -21.28 -5.26 -4.68
CA LEU A 866 -22.17 -4.11 -4.59
C LEU A 866 -21.51 -2.85 -5.15
N ILE A 867 -20.23 -2.63 -4.83
CA ILE A 867 -19.52 -1.47 -5.35
C ILE A 867 -19.41 -1.55 -6.87
N PHE A 868 -19.06 -2.73 -7.39
CA PHE A 868 -18.88 -2.88 -8.83
C PHE A 868 -20.19 -2.63 -9.58
N ASN A 869 -21.26 -3.30 -9.16
CA ASN A 869 -22.53 -3.15 -9.86
C ASN A 869 -23.09 -1.74 -9.73
N ARG A 870 -22.94 -1.14 -8.55
CA ARG A 870 -23.39 0.24 -8.37
C ARG A 870 -22.64 1.19 -9.29
N PHE A 871 -21.31 1.03 -9.39
CA PHE A 871 -20.53 1.93 -10.24
C PHE A 871 -20.88 1.75 -11.71
N LEU A 872 -20.95 0.50 -12.17
CA LEU A 872 -21.25 0.28 -13.58
C LEU A 872 -22.69 0.60 -13.92
N ALA A 873 -23.60 0.54 -12.95
CA ALA A 873 -24.95 1.04 -13.19
C ALA A 873 -24.92 2.53 -13.50
N SER A 874 -24.09 3.28 -12.78
CA SER A 874 -23.95 4.72 -13.03
C SER A 874 -23.29 5.01 -14.37
N GLN A 875 -22.60 4.03 -14.96
CA GLN A 875 -21.94 4.19 -16.26
C GLN A 875 -22.67 3.42 -17.35
N SER A 876 -23.96 3.17 -17.18
CA SER A 876 -24.75 2.40 -18.13
C SER A 876 -25.94 3.23 -18.61
N ALA A 877 -26.46 2.84 -19.77
CA ALA A 877 -27.54 3.59 -20.40
C ALA A 877 -28.81 3.51 -19.58
N ALA A 878 -29.61 4.57 -19.67
CA ALA A 878 -30.91 4.59 -19.01
C ALA A 878 -31.83 3.53 -19.59
N VAL A 879 -32.66 2.96 -18.73
CA VAL A 879 -33.59 1.90 -19.11
C VAL A 879 -34.95 2.53 -19.41
N LYS A 880 -35.43 2.32 -20.63
CA LYS A 880 -36.76 2.80 -21.02
C LYS A 880 -37.81 1.81 -20.52
N VAL A 881 -38.79 2.32 -19.79
CA VAL A 881 -39.77 1.47 -19.12
C VAL A 881 -41.18 1.90 -19.52
N LYS A 882 -42.12 1.01 -19.27
CA LYS A 882 -43.54 1.29 -19.41
C LYS A 882 -44.15 1.24 -18.01
N LYS A 883 -44.59 2.39 -17.51
CA LYS A 883 -45.14 2.50 -16.17
C LYS A 883 -46.61 2.91 -16.26
N GLN A 884 -47.34 2.66 -15.18
CA GLN A 884 -48.73 3.07 -15.11
C GLN A 884 -49.03 3.64 -13.73
N ILE A 885 -49.81 4.72 -13.73
CA ILE A 885 -50.28 5.38 -12.51
C ILE A 885 -51.77 5.07 -12.38
N VAL A 886 -52.14 4.35 -11.32
CA VAL A 886 -53.49 3.84 -11.15
C VAL A 886 -54.07 4.41 -9.87
N THR A 887 -55.29 4.95 -9.97
CA THR A 887 -56.04 5.44 -8.83
C THR A 887 -57.13 4.44 -8.48
N VAL A 888 -57.14 3.97 -7.23
CA VAL A 888 -58.07 2.95 -6.78
C VAL A 888 -58.91 3.50 -5.64
N ASP A 889 -60.12 2.97 -5.51
CA ASP A 889 -61.05 3.36 -4.46
C ASP A 889 -61.23 2.15 -3.53
N VAL A 890 -60.79 2.30 -2.29
CA VAL A 890 -60.92 1.26 -1.27
C VAL A 890 -61.67 1.86 -0.09
N ASP A 891 -62.83 1.27 0.25
CA ASP A 891 -63.67 1.74 1.34
C ASP A 891 -64.06 3.20 1.17
N GLY A 892 -64.31 3.60 -0.08
CA GLY A 892 -64.78 4.95 -0.37
C GLY A 892 -63.70 6.00 -0.43
N LYS A 893 -62.44 5.65 -0.19
CA LYS A 893 -61.33 6.60 -0.22
C LYS A 893 -60.37 6.22 -1.34
N ARG A 894 -59.87 7.23 -2.05
CA ARG A 894 -59.01 7.02 -3.20
C ARG A 894 -57.56 6.88 -2.77
N MET A 895 -56.83 6.00 -3.44
CA MET A 895 -55.42 5.75 -3.18
C MET A 895 -54.67 5.69 -4.52
N GLY A 896 -53.45 6.21 -4.53
CA GLY A 896 -52.64 6.26 -5.73
C GLY A 896 -51.53 5.21 -5.69
N ILE A 897 -51.38 4.48 -6.79
CA ILE A 897 -50.36 3.45 -6.94
C ILE A 897 -49.59 3.73 -8.21
N GLU A 898 -48.26 3.72 -8.11
CA GLU A 898 -47.39 3.91 -9.26
C GLU A 898 -46.42 2.75 -9.35
N GLN A 899 -46.30 2.17 -10.54
CA GLN A 899 -45.50 0.95 -10.70
C GLN A 899 -45.01 0.85 -12.14
N ILE A 900 -43.88 0.18 -12.31
CA ILE A 900 -43.36 -0.17 -13.63
C ILE A 900 -43.90 -1.54 -14.01
N VAL A 901 -44.46 -1.65 -15.22
CA VAL A 901 -45.08 -2.88 -15.66
C VAL A 901 -44.36 -3.54 -16.82
N GLU A 902 -43.40 -2.87 -17.45
CA GLU A 902 -42.67 -3.47 -18.55
C GLU A 902 -41.36 -2.72 -18.77
N ILE A 903 -40.33 -3.46 -19.17
CA ILE A 903 -39.04 -2.89 -19.54
C ILE A 903 -38.94 -2.92 -21.05
N LEU A 904 -38.82 -1.75 -21.67
CA LEU A 904 -38.81 -1.65 -23.12
C LEU A 904 -37.40 -1.72 -23.71
N ARG A 905 -36.40 -1.21 -23.01
CA ARG A 905 -35.02 -1.27 -23.46
C ARG A 905 -34.12 -1.46 -22.25
N ASP A 906 -33.36 -2.55 -22.24
CA ASP A 906 -32.49 -2.84 -21.12
C ASP A 906 -31.37 -1.81 -21.01
N GLY A 907 -31.04 -1.43 -19.77
CA GLY A 907 -30.02 -0.45 -19.50
C GLY A 907 -29.18 -0.84 -18.30
N TRP A 908 -29.11 0.05 -17.30
CA TRP A 908 -28.36 -0.22 -16.09
C TRP A 908 -28.97 -1.35 -15.27
N ASN A 909 -30.19 -1.81 -15.60
CA ASN A 909 -30.82 -2.89 -14.85
C ASN A 909 -30.10 -4.22 -14.99
N LEU A 910 -29.15 -4.33 -15.92
CA LEU A 910 -28.32 -5.52 -15.99
C LEU A 910 -27.51 -5.71 -14.71
N PHE A 911 -27.12 -4.61 -14.07
CA PHE A 911 -26.32 -4.66 -12.86
C PHE A 911 -27.13 -4.45 -11.59
N VAL A 912 -28.09 -3.54 -11.60
CA VAL A 912 -29.01 -3.33 -10.49
C VAL A 912 -30.42 -3.61 -10.98
N PRO A 913 -30.99 -4.77 -10.62
CA PRO A 913 -32.27 -5.19 -11.19
C PRO A 913 -33.38 -4.19 -10.91
N LEU A 914 -34.27 -4.02 -11.89
CA LEU A 914 -35.40 -3.11 -11.81
C LEU A 914 -36.67 -3.96 -11.86
N THR A 915 -37.32 -4.11 -10.71
CA THR A 915 -38.48 -5.00 -10.61
C THR A 915 -39.70 -4.40 -11.31
N VAL A 916 -40.47 -5.28 -11.95
CA VAL A 916 -41.71 -4.89 -12.60
C VAL A 916 -42.86 -5.58 -11.89
N SER A 917 -44.05 -5.02 -12.03
CA SER A 917 -45.24 -5.45 -11.32
C SER A 917 -46.32 -5.87 -12.30
N PRO A 918 -47.23 -6.74 -11.88
CA PRO A 918 -48.35 -7.11 -12.76
C PRO A 918 -49.19 -5.89 -13.15
N ARG A 919 -49.64 -5.91 -14.40
CA ARG A 919 -50.34 -4.75 -14.94
C ARG A 919 -51.74 -4.64 -14.36
N PHE A 920 -52.22 -3.41 -14.24
CA PHE A 920 -53.58 -3.12 -13.79
C PHE A 920 -54.48 -2.84 -14.99
N GLU A 921 -55.78 -2.95 -14.76
CA GLU A 921 -56.80 -2.66 -15.75
C GLU A 921 -57.87 -1.80 -15.13
N HIS A 922 -58.55 -1.02 -15.96
CA HIS A 922 -59.63 -0.14 -15.49
C HIS A 922 -60.88 -0.99 -15.28
N ARG A 923 -60.89 -1.71 -14.17
CA ARG A 923 -62.01 -2.57 -13.82
C ARG A 923 -62.02 -2.76 -12.30
N THR A 924 -62.92 -3.62 -11.84
CA THR A 924 -63.03 -3.94 -10.42
C THR A 924 -62.29 -5.24 -10.13
N TYR A 925 -61.62 -5.29 -8.99
CA TYR A 925 -60.81 -6.43 -8.59
C TYR A 925 -61.36 -7.05 -7.31
N LYS A 926 -61.63 -8.35 -7.36
CA LYS A 926 -62.00 -9.08 -6.17
C LYS A 926 -60.79 -9.25 -5.25
N ILE A 927 -61.05 -9.25 -3.95
CA ILE A 927 -60.01 -9.40 -2.94
C ILE A 927 -59.95 -10.86 -2.52
N LYS A 928 -58.82 -11.51 -2.78
CA LYS A 928 -58.67 -12.92 -2.41
C LYS A 928 -58.61 -13.09 -0.90
N GLU A 929 -57.79 -12.29 -0.22
CA GLU A 929 -57.58 -12.43 1.20
C GLU A 929 -57.04 -11.12 1.75
N LYS A 930 -57.45 -10.80 2.99
CA LYS A 930 -56.99 -9.61 3.68
C LYS A 930 -56.20 -10.04 4.91
N LYS A 931 -55.01 -9.46 5.09
CA LYS A 931 -54.19 -9.68 6.27
C LYS A 931 -54.20 -8.42 7.12
N PHE A 932 -54.61 -8.56 8.36
CA PHE A 932 -54.76 -7.42 9.27
C PHE A 932 -53.59 -7.40 10.25
N TYR A 933 -52.91 -6.26 10.32
CA TYR A 933 -51.75 -6.12 11.17
C TYR A 933 -51.58 -4.64 11.55
N LYS A 934 -50.58 -4.37 12.36
CA LYS A 934 -50.26 -3.02 12.79
C LYS A 934 -48.85 -2.65 12.33
N LYS A 935 -48.70 -1.44 11.80
CA LYS A 935 -47.41 -0.93 11.36
C LYS A 935 -47.22 0.48 11.88
N HIS A 936 -45.98 0.79 12.28
CA HIS A 936 -45.64 2.10 12.82
C HIS A 936 -45.25 3.03 11.68
N THR A 937 -45.86 4.22 11.65
CA THR A 937 -45.56 5.17 10.58
C THR A 937 -44.10 5.61 10.63
N VAL A 938 -43.57 5.85 11.83
CA VAL A 938 -42.19 6.26 12.01
C VAL A 938 -41.37 5.01 12.39
N PRO A 939 -40.54 4.51 11.50
CA PRO A 939 -39.79 3.28 11.80
C PRO A 939 -38.63 3.54 12.77
N LEU A 940 -38.24 2.46 13.43
CA LEU A 940 -37.06 2.51 14.30
C LEU A 940 -35.80 2.73 13.47
N PHE A 941 -34.82 3.38 14.07
CA PHE A 941 -33.55 3.62 13.39
C PHE A 941 -32.83 2.30 13.11
N THR A 942 -32.13 2.25 11.97
CA THR A 942 -31.20 1.19 11.66
C THR A 942 -29.82 1.80 11.51
N GLN A 943 -28.79 0.94 11.57
CA GLN A 943 -27.43 1.43 11.41
C GLN A 943 -27.26 2.12 10.06
N ALA A 944 -27.91 1.60 9.02
CA ALA A 944 -27.87 2.26 7.71
C ALA A 944 -28.56 3.62 7.76
N SER A 945 -29.73 3.70 8.39
CA SER A 945 -30.50 4.95 8.40
C SER A 945 -29.90 6.00 9.33
N ILE A 946 -29.13 5.59 10.33
CA ILE A 946 -28.43 6.57 11.16
C ILE A 946 -27.39 7.31 10.32
N VAL A 947 -26.66 6.58 9.48
CA VAL A 947 -25.70 7.21 8.58
C VAL A 947 -26.42 8.13 7.60
N GLU A 948 -27.57 7.69 7.08
CA GLU A 948 -28.36 8.55 6.20
C GLU A 948 -28.79 9.82 6.92
N GLU A 949 -29.27 9.68 8.17
CA GLU A 949 -29.71 10.85 8.93
C GLU A 949 -28.56 11.81 9.18
N MET A 950 -27.38 11.27 9.52
CA MET A 950 -26.22 12.13 9.74
C MET A 950 -25.84 12.89 8.47
N LYS A 951 -25.91 12.23 7.32
CA LYS A 951 -25.56 12.89 6.06
C LYS A 951 -26.53 14.04 5.76
N LYS A 952 -27.83 13.80 5.88
CA LYS A 952 -28.81 14.81 5.52
C LYS A 952 -28.94 15.91 6.57
N ARG A 953 -28.55 15.65 7.82
CA ARG A 953 -28.58 16.66 8.86
C ARG A 953 -27.24 17.39 9.00
N GLY A 954 -26.25 17.04 8.19
CA GLY A 954 -25.01 17.79 8.15
C GLY A 954 -24.05 17.56 9.28
N ILE A 955 -24.20 16.47 10.02
CA ILE A 955 -23.27 16.14 11.10
C ILE A 955 -22.55 14.84 10.75
N GLY A 956 -21.32 14.72 11.19
CA GLY A 956 -20.49 13.59 10.85
C GLY A 956 -19.72 13.81 9.56
N ARG A 957 -18.70 12.98 9.37
CA ARG A 957 -17.79 13.01 8.24
C ARG A 957 -17.67 11.62 7.67
N PRO A 958 -17.20 11.49 6.42
CA PRO A 958 -16.95 10.15 5.88
C PRO A 958 -16.00 9.33 6.74
N SER A 959 -15.09 9.99 7.46
CA SER A 959 -14.14 9.31 8.32
C SER A 959 -14.73 8.94 9.69
N THR A 960 -15.93 9.43 10.01
CA THR A 960 -16.49 9.21 11.34
C THR A 960 -17.86 8.55 11.34
N TYR A 961 -18.50 8.36 10.18
CA TYR A 961 -19.86 7.82 10.15
C TYR A 961 -19.92 6.47 10.85
N ALA A 962 -19.01 5.55 10.51
CA ALA A 962 -19.03 4.24 11.13
C ALA A 962 -18.67 4.31 12.61
N LYS A 963 -17.72 5.17 12.97
CA LYS A 963 -17.29 5.26 14.37
C LYS A 963 -18.41 5.75 15.27
N ILE A 964 -19.18 6.75 14.82
CA ILE A 964 -20.22 7.33 15.66
C ILE A 964 -21.24 6.26 16.04
N VAL A 965 -21.67 5.44 15.08
CA VAL A 965 -22.66 4.41 15.37
C VAL A 965 -22.07 3.35 16.30
N GLU A 966 -20.85 2.91 16.02
CA GLU A 966 -20.29 1.78 16.76
C GLU A 966 -19.94 2.14 18.20
N VAL A 967 -19.54 3.38 18.45
CA VAL A 967 -19.20 3.79 19.82
C VAL A 967 -20.43 3.68 20.71
N LEU A 968 -21.62 4.01 20.18
CA LEU A 968 -22.84 3.87 20.97
C LEU A 968 -23.06 2.43 21.39
N PHE A 969 -22.71 1.47 20.53
CA PHE A 969 -22.79 0.06 20.91
C PHE A 969 -21.76 -0.28 21.96
N ARG A 970 -20.51 0.18 21.79
CA ARG A 970 -19.45 -0.22 22.71
C ARG A 970 -19.65 0.39 24.10
N ARG A 971 -20.24 1.57 24.19
CA ARG A 971 -20.49 2.20 25.48
C ARG A 971 -21.69 1.63 26.19
N GLY A 972 -22.41 0.69 25.57
CA GLY A 972 -23.60 0.12 26.19
C GLY A 972 -24.83 0.97 26.06
N TYR A 973 -24.85 1.93 25.13
CA TYR A 973 -25.99 2.83 24.98
C TYR A 973 -27.06 2.27 24.05
N VAL A 974 -26.68 1.48 23.05
CA VAL A 974 -27.58 1.04 22.00
C VAL A 974 -27.44 -0.46 21.80
N TYR A 975 -28.56 -1.13 21.55
CA TYR A 975 -28.57 -2.56 21.24
C TYR A 975 -29.36 -2.79 19.95
N GLU A 976 -29.17 -3.97 19.38
CA GLU A 976 -29.87 -4.39 18.18
C GLU A 976 -30.85 -5.52 18.51
N ASP A 977 -32.05 -5.43 17.96
CA ASP A 977 -33.08 -6.44 18.18
C ASP A 977 -32.97 -7.54 17.13
N LYS A 978 -34.00 -8.40 17.05
CA LYS A 978 -33.97 -9.52 16.11
C LYS A 978 -33.89 -9.04 14.67
N TYR A 979 -34.52 -7.91 14.35
CA TYR A 979 -34.57 -7.39 12.99
C TYR A 979 -33.49 -6.35 12.73
N LYS A 980 -32.42 -6.36 13.53
CA LYS A 980 -31.27 -5.46 13.36
C LYS A 980 -31.69 -3.99 13.35
N ARG A 981 -32.63 -3.65 14.23
CA ARG A 981 -33.02 -2.26 14.46
C ARG A 981 -32.38 -1.78 15.76
N VAL A 982 -31.80 -0.58 15.73
CA VAL A 982 -31.12 -0.08 16.90
C VAL A 982 -32.12 0.56 17.85
N ARG A 983 -31.93 0.31 19.14
CA ARG A 983 -32.77 0.85 20.19
C ARG A 983 -31.88 1.27 21.36
N PRO A 984 -32.31 2.26 22.14
CA PRO A 984 -31.50 2.68 23.30
C PRO A 984 -31.67 1.73 24.47
N THR A 985 -30.56 1.40 25.12
CA THR A 985 -30.61 0.66 26.36
C THR A 985 -31.05 1.58 27.49
N ARG A 986 -31.39 0.97 28.63
CA ARG A 986 -31.80 1.77 29.79
C ARG A 986 -30.66 2.65 30.28
N PHE A 987 -29.43 2.15 30.24
CA PHE A 987 -28.28 2.98 30.58
C PHE A 987 -28.10 4.11 29.57
N GLY A 988 -28.32 3.83 28.28
CA GLY A 988 -28.18 4.87 27.28
C GLY A 988 -29.19 5.98 27.43
N VAL A 989 -30.41 5.63 27.86
CA VAL A 989 -31.44 6.65 28.07
C VAL A 989 -31.03 7.58 29.21
N MET A 990 -30.54 7.03 30.31
CA MET A 990 -30.18 7.85 31.46
C MET A 990 -29.00 8.77 31.16
N VAL A 991 -28.04 8.29 30.37
CA VAL A 991 -26.90 9.13 30.00
C VAL A 991 -27.37 10.34 29.20
N TYR A 992 -28.25 10.11 28.21
CA TYR A 992 -28.76 11.22 27.42
C TYR A 992 -29.68 12.11 28.25
N SER A 993 -30.48 11.52 29.14
CA SER A 993 -31.35 12.30 30.01
C SER A 993 -30.53 13.20 30.92
N TYR A 994 -29.45 12.68 31.48
CA TYR A 994 -28.57 13.49 32.32
C TYR A 994 -27.95 14.64 31.53
N LEU A 995 -27.53 14.37 30.29
CA LEU A 995 -26.89 15.41 29.49
C LEU A 995 -27.89 16.45 29.01
N LYS A 996 -29.12 16.04 28.70
CA LYS A 996 -30.11 16.98 28.21
C LYS A 996 -30.50 18.00 29.27
N GLU A 997 -30.62 17.57 30.53
CA GLU A 997 -31.06 18.47 31.57
C GLU A 997 -30.05 19.58 31.85
N ARG A 998 -28.76 19.30 31.67
CA ARG A 998 -27.71 20.25 32.03
C ARG A 998 -26.92 20.79 30.85
N TYR A 999 -26.72 20.00 29.80
CA TYR A 999 -25.82 20.38 28.71
C TYR A 999 -26.47 20.19 27.35
N GLU A 1000 -27.78 20.43 27.25
CA GLU A 1000 -28.46 20.22 25.97
C GLU A 1000 -28.00 21.22 24.92
N LYS A 1001 -27.71 22.46 25.32
CA LYS A 1001 -27.30 23.47 24.36
C LYS A 1001 -25.97 23.09 23.70
N TYR A 1002 -25.07 22.48 24.47
CA TYR A 1002 -23.76 22.10 23.94
C TYR A 1002 -23.79 20.86 23.07
N VAL A 1003 -24.88 20.08 23.09
CA VAL A 1003 -24.92 18.82 22.36
C VAL A 1003 -26.14 18.76 21.44
N THR A 1004 -26.85 19.87 21.29
CA THR A 1004 -27.97 19.88 20.37
C THR A 1004 -27.48 19.84 18.93
N GLU A 1005 -28.36 19.38 18.03
CA GLU A 1005 -27.96 19.18 16.64
C GLU A 1005 -27.58 20.49 15.96
N GLU A 1006 -28.29 21.58 16.29
CA GLU A 1006 -27.98 22.87 15.67
C GLU A 1006 -26.56 23.29 16.00
N THR A 1007 -26.14 23.11 17.25
CA THR A 1007 -24.76 23.42 17.63
C THR A 1007 -23.77 22.50 16.92
N THR A 1008 -24.12 21.21 16.82
CA THR A 1008 -23.23 20.25 16.16
C THR A 1008 -23.04 20.61 14.69
N ARG A 1009 -24.14 20.91 13.99
CA ARG A 1009 -24.05 21.27 12.57
C ARG A 1009 -23.31 22.59 12.39
N ARG A 1010 -23.58 23.57 13.25
CA ARG A 1010 -22.95 24.88 13.12
C ARG A 1010 -21.43 24.78 13.28
N LEU A 1011 -20.97 24.01 14.27
CA LEU A 1011 -19.54 23.83 14.46
C LEU A 1011 -18.92 23.01 13.32
N GLU A 1012 -19.67 22.03 12.79
CA GLU A 1012 -19.16 21.25 11.66
C GLU A 1012 -18.96 22.13 10.44
N GLU A 1013 -19.90 23.04 10.18
CA GLU A 1013 -19.77 23.95 9.04
C GLU A 1013 -18.55 24.85 9.19
N ILE A 1014 -18.31 25.35 10.40
CA ILE A 1014 -17.16 26.23 10.63
C ILE A 1014 -15.86 25.45 10.43
N MET A 1015 -15.78 24.24 10.97
CA MET A 1015 -14.56 23.45 10.84
C MET A 1015 -14.35 23.00 9.39
N ASP A 1016 -15.43 22.84 8.63
CA ASP A 1016 -15.29 22.59 7.20
C ASP A 1016 -14.66 23.79 6.49
N LYS A 1017 -15.07 25.01 6.88
CA LYS A 1017 -14.48 26.20 6.29
C LYS A 1017 -13.02 26.37 6.69
N VAL A 1018 -12.66 25.94 7.90
CA VAL A 1018 -11.25 25.96 8.29
C VAL A 1018 -10.44 25.05 7.38
N GLU A 1019 -11.00 23.90 7.02
CA GLU A 1019 -10.35 23.00 6.07
C GLU A 1019 -10.15 23.68 4.72
N ARG A 1020 -11.12 24.49 4.30
CA ARG A 1020 -11.06 25.21 3.03
C ARG A 1020 -10.36 26.55 3.14
N GLY A 1021 -9.84 26.91 4.31
CA GLY A 1021 -9.16 28.18 4.47
C GLY A 1021 -10.08 29.38 4.52
N GLU A 1022 -11.35 29.18 4.84
CA GLU A 1022 -12.32 30.27 4.89
C GLU A 1022 -12.53 30.83 6.29
N GLU A 1023 -12.34 30.03 7.33
CA GLU A 1023 -12.43 30.48 8.71
C GLU A 1023 -11.07 30.32 9.38
N ASP A 1024 -10.76 31.24 10.29
CA ASP A 1024 -9.45 31.27 10.91
C ASP A 1024 -9.26 30.11 11.87
N TYR A 1025 -8.03 29.60 11.92
CA TYR A 1025 -7.71 28.48 12.79
C TYR A 1025 -7.72 28.88 14.25
N GLN A 1026 -7.07 30.00 14.59
CA GLN A 1026 -7.04 30.45 15.97
C GLN A 1026 -8.40 30.97 16.43
N ALA A 1027 -9.15 31.62 15.54
CA ALA A 1027 -10.47 32.13 15.92
C ALA A 1027 -11.43 31.00 16.27
N THR A 1028 -11.34 29.88 15.55
CA THR A 1028 -12.19 28.74 15.85
C THR A 1028 -11.89 28.17 17.24
N LEU A 1029 -10.60 28.11 17.61
CA LEU A 1029 -10.24 27.61 18.92
C LEU A 1029 -10.75 28.52 20.03
N ARG A 1030 -10.76 29.84 19.80
CA ARG A 1030 -11.35 30.75 20.76
C ARG A 1030 -12.85 30.48 20.93
N LEU A 1031 -13.54 30.18 19.83
CA LEU A 1031 -14.96 29.88 19.90
C LEU A 1031 -15.23 28.67 20.78
N LEU A 1032 -14.42 27.62 20.65
CA LEU A 1032 -14.57 26.45 21.50
C LEU A 1032 -14.19 26.77 22.95
N TYR A 1033 -13.15 27.58 23.15
CA TYR A 1033 -12.70 27.90 24.50
C TYR A 1033 -13.76 28.69 25.26
N GLU A 1034 -14.42 29.63 24.59
CA GLU A 1034 -15.49 30.37 25.25
C GLU A 1034 -16.65 29.45 25.63
N GLU A 1035 -16.95 28.47 24.78
CA GLU A 1035 -18.06 27.57 25.07
C GLU A 1035 -17.73 26.65 26.24
N ILE A 1036 -16.54 26.06 26.25
CA ILE A 1036 -16.19 25.10 27.30
C ILE A 1036 -16.05 25.81 28.65
N LYS A 1037 -15.56 27.06 28.65
CA LYS A 1037 -15.45 27.80 29.89
C LYS A 1037 -16.81 27.99 30.54
N SER A 1038 -17.85 28.19 29.73
CA SER A 1038 -19.21 28.33 30.27
C SER A 1038 -19.69 27.04 30.91
N LEU A 1039 -19.41 25.89 30.28
CA LEU A 1039 -19.94 24.62 30.77
C LEU A 1039 -19.08 24.01 31.88
N MET A 1040 -17.95 24.61 32.23
CA MET A 1040 -17.16 24.11 33.34
C MET A 1040 -17.68 24.59 34.69
N GLU A 1041 -18.70 25.44 34.71
CA GLU A 1041 -19.26 25.95 35.95
C GLU A 1041 -20.31 25.00 36.52
O1 P6G B . 24.62 17.38 2.99
C2 P6G B . 25.39 18.27 3.73
C3 P6G B . 24.80 18.37 5.14
O4 P6G B . 23.55 18.98 5.07
C5 P6G B . 22.47 18.12 5.28
C6 P6G B . 21.18 18.86 4.95
O7 P6G B . 20.13 18.24 5.63
C8 P6G B . 20.14 18.45 7.02
C9 P6G B . 18.90 19.23 7.40
O10 P6G B . 19.26 20.54 7.71
C11 P6G B . 18.30 21.23 8.46
C12 P6G B . 18.92 22.53 8.97
O13 P6G B . 19.15 23.37 7.88
C14 P6G B . 18.00 23.98 7.38
C15 P6G B . 18.30 24.48 5.97
O16 P6G B . 17.09 24.85 5.36
C17 P6G B . 16.79 26.21 5.51
C18 P6G B . 17.80 27.04 4.72
O19 P6G B . 17.54 28.39 4.92
ZN ZN C . 17.02 20.56 22.54
ZN ZN D . -1.83 -3.30 28.21
S SO4 E . -9.24 11.44 24.10
O1 SO4 E . -7.79 11.64 24.11
O2 SO4 E . -9.61 10.62 25.25
O3 SO4 E . -9.63 10.76 22.86
O4 SO4 E . -9.92 12.73 24.17
S SO4 F . -28.20 5.32 41.16
O1 SO4 F . -27.18 6.38 41.21
O2 SO4 F . -27.56 4.05 40.80
O3 SO4 F . -28.83 5.19 42.47
O4 SO4 F . -29.20 5.66 40.16
S SO4 G . -7.87 7.79 11.12
O1 SO4 G . -7.76 8.49 12.40
O2 SO4 G . -6.54 7.49 10.62
O3 SO4 G . -8.63 6.56 11.31
O4 SO4 G . -8.56 8.66 10.16
S SO4 H . -10.57 -2.50 -24.42
O1 SO4 H . -10.48 -1.14 -23.89
O2 SO4 H . -9.22 -3.08 -24.49
O3 SO4 H . -11.39 -3.32 -23.53
O4 SO4 H . -11.16 -2.47 -25.75
S SO4 I . -10.10 6.22 -26.36
O1 SO4 I . -9.34 7.26 -27.07
O2 SO4 I . -9.18 5.24 -25.79
O3 SO4 I . -10.87 6.84 -25.29
O4 SO4 I . -11.00 5.56 -27.30
CL CL J . -13.23 13.43 6.80
CL CL K . -10.36 13.44 -15.26
#